data_2UY1
#
_entry.id   2UY1
#
_cell.length_a   44.440
_cell.length_b   148.280
_cell.length_c   91.440
_cell.angle_alpha   90.00
_cell.angle_beta   92.15
_cell.angle_gamma   90.00
#
_symmetry.space_group_name_H-M   'P 1 21 1'
#
loop_
_entity.id
_entity.type
_entity.pdbx_description
1 polymer 'CLEAVAGE STIMULATION FACTOR 77'
2 polymer 'CLEAVAGE STIMULATION FACTOR 77'
3 water water
#
loop_
_entity_poly.entity_id
_entity_poly.type
_entity_poly.pdbx_seq_one_letter_code
_entity_poly.pdbx_strand_id
1 'polypeptide(L)'
;MDAEEKMGVELSSPSAIMEHARRLYMSKDYRSLESLFGRCLKKSYNLDLWMLYIEYVRKVSQKKFKLYEVYEFTLGQFEN
YWDSYGLYKEYIEEEGKIEDEQTRIEKIRNGYMRALQTPMGSLSELWKDFENFELELNKITGKKIVGDTLPIFQSSFQRY
QQIQPLIRGWSVKNAARLIDLEMENGMKLGGRPHESRMHFIHNYILDSFYYAEEVYFFYSEYLIGIGQKEKAKKVVERGI
EMSDGMFLSLYYGLVMDEEAVYGDLKRKYSMGEAESAEKVFSKELDLLRINHLNYVLKKRGLELFRKLFIELGNEGVGPH
VFIYCAFIEYYATGSRATPYNIFSSGLLKHPDSTLLKEEFFLFLLRIGDEENARALFKRLEKTSRMWDSMIEYEFMVGSM
ELFRELVDQKMDAIKADAILPPLPPREHNVQMEGILGRYHCFLDSFNFLDLKIRDNSRLLDEFMENLPKISQQNNVLSNL
RVEKVISLLKSVQ
;
A
2 'polypeptide(L)'
;MDAEEKMGVELSSPSAIMEHARRLYMSKDYRSLESLFGRCLWKSYNLDLWMLYIEYVRKVSQKKFKLFEVYEFTLGQFEN
YWDSYGLFKEYIEELGKIEDEQTRIEKIRNGYMRALQTPMGSLSELWKDFENFELELNKITGKKIVGDTLPLFQSSFQRY
QQIQPLIRGWSVKNAARLIDLEMENGMKLGGRPHESRMHFIHNYILDSFFYAEEVYFFYSEYLIGIGQKEKAKKVVERGI
EMSDGMFLSLYYGLVMDEEAVYGDLKRKYSMGEAESAEKVFSKELDLLRINHLNYVLKKRGLELFRKLFIELGNEGVGPH
VFIYCAFIEYYATGSRATPYNIFSSGLLKHPDSTLLKEEFFLFLLRIGDEENARALFKRLEKTSRMWDSMIEYEFMVGSM
ELFRELVDQKMDAIKADAILPPLPPREHNVQMEGILGRYHCFLDSFNFLDLKIRDNSRLLDEFMENLPKISQQNNVLSNL
RVEKVISLLKSVQ
;
B
#
# COMPACT_ATOMS: atom_id res chain seq x y z
N SER A 12 -29.63 -22.45 18.39
CA SER A 12 -28.80 -23.69 18.15
C SER A 12 -27.30 -23.43 18.02
N SER A 13 -26.85 -22.18 18.15
CA SER A 13 -25.41 -21.97 18.27
C SER A 13 -24.85 -22.57 19.59
N PRO A 14 -23.53 -22.85 19.68
CA PRO A 14 -23.01 -23.30 20.98
C PRO A 14 -23.31 -22.43 22.19
N SER A 15 -23.22 -21.13 22.02
CA SER A 15 -23.52 -20.21 23.11
C SER A 15 -25.00 -20.21 23.45
N ALA A 16 -25.89 -20.29 22.47
CA ALA A 16 -27.33 -20.41 22.75
C ALA A 16 -27.62 -21.65 23.56
N ILE A 17 -27.00 -22.75 23.16
CA ILE A 17 -27.11 -23.99 23.86
C ILE A 17 -26.54 -23.92 25.27
N MET A 18 -25.36 -23.30 25.49
CA MET A 18 -24.82 -23.22 26.83
C MET A 18 -25.73 -22.40 27.75
N GLU A 19 -26.20 -21.26 27.25
CA GLU A 19 -27.13 -20.41 27.96
C GLU A 19 -28.42 -21.12 28.32
N HIS A 20 -29.03 -21.80 27.36
CA HIS A 20 -30.26 -22.53 27.61
C HIS A 20 -30.06 -23.60 28.68
N ALA A 21 -28.96 -24.37 28.59
CA ALA A 21 -28.61 -25.40 29.56
C ALA A 21 -28.41 -24.89 31.00
N ARG A 22 -27.65 -23.79 31.17
CA ARG A 22 -27.50 -23.10 32.45
C ARG A 22 -28.86 -22.63 32.95
N ARG A 23 -29.71 -22.22 32.04
CA ARG A 23 -31.03 -21.75 32.44
C ARG A 23 -31.84 -22.87 33.05
N LEU A 24 -31.89 -23.99 32.33
CA LEU A 24 -32.60 -25.18 32.79
C LEU A 24 -32.05 -25.66 34.14
N TYR A 25 -30.74 -25.52 34.32
CA TYR A 25 -30.10 -26.11 35.48
C TYR A 25 -30.41 -25.29 36.72
N MET A 26 -30.34 -23.97 36.56
CA MET A 26 -30.58 -23.05 37.64
C MET A 26 -32.06 -22.96 38.06
N SER A 27 -32.95 -23.02 37.08
CA SER A 27 -34.37 -23.27 37.28
C SER A 27 -34.77 -24.64 37.86
N LYS A 28 -33.84 -25.60 37.88
CA LYS A 28 -34.13 -26.95 38.29
C LYS A 28 -35.19 -27.62 37.39
N ASP A 29 -35.16 -27.29 36.09
CA ASP A 29 -36.02 -28.02 35.15
C ASP A 29 -35.19 -29.18 34.63
N TYR A 30 -35.10 -30.22 35.45
CA TYR A 30 -34.13 -31.26 35.23
C TYR A 30 -34.53 -32.16 34.06
N ARG A 31 -35.84 -32.28 33.82
CA ARG A 31 -36.36 -32.98 32.64
C ARG A 31 -35.95 -32.39 31.29
N SER A 32 -36.22 -31.10 31.10
CA SER A 32 -35.76 -30.37 29.90
C SER A 32 -34.24 -30.44 29.76
N LEU A 33 -33.56 -30.46 30.89
CA LEU A 33 -32.12 -30.36 30.83
C LEU A 33 -31.58 -31.66 30.26
N GLU A 34 -32.14 -32.81 30.69
CA GLU A 34 -31.64 -34.13 30.33
C GLU A 34 -31.97 -34.37 28.87
N SER A 35 -33.10 -33.84 28.43
CA SER A 35 -33.44 -33.83 27.01
C SER A 35 -32.45 -33.01 26.17
N LEU A 36 -32.13 -31.78 26.60
CA LEU A 36 -31.08 -30.98 25.96
C LEU A 36 -29.83 -31.80 25.82
N PHE A 37 -29.29 -32.33 26.92
CA PHE A 37 -28.06 -33.15 26.87
C PHE A 37 -28.16 -34.29 25.84
N GLY A 38 -29.29 -35.02 25.84
CA GLY A 38 -29.53 -36.09 24.84
C GLY A 38 -29.41 -35.64 23.39
N ARG A 39 -29.90 -34.45 23.05
CA ARG A 39 -29.86 -33.99 21.66
C ARG A 39 -28.63 -33.16 21.23
N CYS A 40 -27.90 -32.61 22.21
CA CYS A 40 -26.78 -31.70 21.92
C CYS A 40 -25.40 -32.15 22.32
N LEU A 41 -25.28 -33.00 23.33
CA LEU A 41 -23.97 -33.32 23.89
C LEU A 41 -22.90 -33.86 22.91
N LYS A 42 -23.22 -34.95 22.20
CA LYS A 42 -22.25 -35.61 21.33
C LYS A 42 -21.80 -34.77 20.15
N LYS A 43 -22.68 -33.88 19.74
CA LYS A 43 -22.34 -32.88 18.76
C LYS A 43 -21.56 -31.68 19.31
N SER A 44 -21.41 -31.59 20.64
CA SER A 44 -20.77 -30.42 21.28
C SER A 44 -19.31 -30.59 21.62
N TYR A 45 -18.51 -29.55 21.33
CA TYR A 45 -17.10 -29.57 21.65
C TYR A 45 -16.76 -28.50 22.63
N ASN A 46 -17.80 -28.01 23.33
CA ASN A 46 -17.67 -26.98 24.36
C ASN A 46 -17.47 -27.70 25.69
N LEU A 47 -16.28 -27.61 26.28
CA LEU A 47 -16.03 -28.29 27.53
C LEU A 47 -16.95 -27.84 28.71
N ASP A 48 -17.36 -26.57 28.76
CA ASP A 48 -18.25 -26.09 29.79
C ASP A 48 -19.57 -26.84 29.77
N LEU A 49 -20.03 -27.24 28.60
CA LEU A 49 -21.34 -27.88 28.51
C LEU A 49 -21.25 -29.30 29.04
N TRP A 50 -20.13 -29.95 28.75
CA TRP A 50 -19.85 -31.32 29.21
C TRP A 50 -19.56 -31.34 30.71
N MET A 51 -18.88 -30.31 31.24
CA MET A 51 -18.69 -30.26 32.71
C MET A 51 -19.98 -30.06 33.53
N LEU A 52 -20.88 -29.26 33.02
CA LEU A 52 -22.22 -29.10 33.55
C LEU A 52 -22.95 -30.42 33.55
N TYR A 53 -22.87 -31.14 32.44
CA TYR A 53 -23.40 -32.52 32.38
C TYR A 53 -22.81 -33.40 33.52
N ILE A 54 -21.49 -33.43 33.65
CA ILE A 54 -20.80 -34.05 34.79
C ILE A 54 -21.32 -33.58 36.15
N GLU A 55 -21.49 -32.27 36.31
CA GLU A 55 -21.99 -31.66 37.54
C GLU A 55 -23.44 -32.09 37.84
N TYR A 56 -24.30 -32.15 36.81
CA TYR A 56 -25.68 -32.65 36.95
C TYR A 56 -25.73 -34.20 37.24
N VAL A 57 -24.94 -34.98 36.55
CA VAL A 57 -24.83 -36.41 36.86
C VAL A 57 -24.31 -36.71 38.31
N ARG A 58 -23.27 -35.99 38.76
CA ARG A 58 -22.80 -36.06 40.15
C ARG A 58 -23.91 -35.79 41.15
N LYS A 59 -24.67 -34.71 40.95
CA LYS A 59 -25.74 -34.34 41.87
C LYS A 59 -26.89 -35.38 42.03
N VAL A 60 -27.34 -35.98 40.94
CA VAL A 60 -28.60 -36.74 40.94
C VAL A 60 -28.46 -38.26 40.93
N SER A 61 -27.24 -38.76 40.77
CA SER A 61 -27.09 -40.19 40.60
C SER A 61 -26.23 -40.79 41.70
N LYS A 66 -21.53 -45.94 38.71
CA LYS A 66 -20.22 -46.00 38.06
C LYS A 66 -19.89 -44.63 37.43
N LEU A 67 -19.66 -43.62 38.27
CA LEU A 67 -19.49 -42.22 37.84
C LEU A 67 -18.28 -42.05 36.91
N TYR A 68 -17.25 -42.81 37.23
CA TYR A 68 -16.08 -42.90 36.40
C TYR A 68 -16.39 -43.13 34.92
N GLU A 69 -17.52 -43.78 34.64
CA GLU A 69 -17.99 -43.96 33.26
C GLU A 69 -18.39 -42.69 32.53
N VAL A 70 -18.90 -41.69 33.23
CA VAL A 70 -19.24 -40.43 32.62
C VAL A 70 -17.96 -39.63 32.23
N TYR A 71 -16.90 -39.72 33.06
CA TYR A 71 -15.54 -39.27 32.73
C TYR A 71 -14.95 -39.97 31.52
N GLU A 72 -15.09 -41.28 31.46
CA GLU A 72 -14.73 -41.98 30.23
C GLU A 72 -15.50 -41.49 28.99
N PHE A 73 -16.80 -41.24 29.13
CA PHE A 73 -17.63 -40.77 27.99
C PHE A 73 -17.07 -39.40 27.53
N THR A 74 -16.73 -38.56 28.51
CA THR A 74 -16.27 -37.21 28.24
C THR A 74 -14.86 -37.20 27.63
N LEU A 75 -13.98 -38.09 28.09
CA LEU A 75 -12.61 -38.16 27.54
C LEU A 75 -12.55 -38.78 26.15
N GLY A 76 -13.60 -39.48 25.75
CA GLY A 76 -13.78 -39.95 24.37
C GLY A 76 -14.10 -38.81 23.41
N GLN A 77 -14.85 -37.82 23.85
CA GLN A 77 -15.09 -36.65 23.05
C GLN A 77 -13.82 -35.76 22.94
N PHE A 78 -13.17 -35.55 24.07
CA PHE A 78 -12.06 -34.58 24.21
C PHE A 78 -10.78 -35.38 24.19
N GLU A 79 -10.61 -36.16 23.11
CA GLU A 79 -9.48 -37.08 22.90
C GLU A 79 -8.19 -36.28 22.71
N ASN A 80 -7.12 -36.60 23.44
CA ASN A 80 -5.89 -35.79 23.29
C ASN A 80 -6.15 -34.25 23.23
N TYR A 81 -7.07 -33.79 24.08
CA TYR A 81 -7.27 -32.38 24.41
C TYR A 81 -6.19 -31.83 25.34
N TRP A 82 -5.85 -30.56 25.10
CA TRP A 82 -4.70 -29.92 25.66
C TRP A 82 -5.07 -29.32 27.01
N ASP A 83 -6.35 -29.36 27.39
CA ASP A 83 -6.73 -28.97 28.78
C ASP A 83 -7.58 -30.11 29.40
N SER A 84 -7.03 -31.32 29.40
CA SER A 84 -7.69 -32.47 29.96
C SER A 84 -7.34 -32.79 31.42
N TYR A 85 -6.50 -31.98 32.06
CA TYR A 85 -5.91 -32.33 33.38
C TYR A 85 -6.94 -32.55 34.45
N GLY A 86 -7.90 -31.63 34.55
CA GLY A 86 -9.02 -31.73 35.48
C GLY A 86 -9.83 -32.96 35.18
N LEU A 87 -10.07 -33.23 33.92
CA LEU A 87 -10.76 -34.49 33.58
C LEU A 87 -10.09 -35.78 34.04
N TYR A 88 -8.81 -35.97 33.72
CA TYR A 88 -8.09 -37.12 34.23
C TYR A 88 -7.94 -37.24 35.74
N LYS A 89 -7.68 -36.10 36.39
CA LYS A 89 -7.50 -36.06 37.85
C LYS A 89 -8.74 -36.52 38.62
N GLU A 90 -9.89 -35.99 38.19
CA GLU A 90 -11.16 -36.35 38.79
C GLU A 90 -11.57 -37.78 38.44
N TYR A 91 -11.24 -38.21 37.22
CA TYR A 91 -11.54 -39.54 36.75
C TYR A 91 -10.78 -40.58 37.58
N ILE A 92 -9.51 -40.30 37.85
CA ILE A 92 -8.63 -41.23 38.53
C ILE A 92 -9.04 -41.28 40.02
N GLU A 93 -9.56 -40.20 40.55
CA GLU A 93 -10.24 -40.16 41.84
C GLU A 93 -11.43 -41.11 41.94
N GLU A 94 -12.25 -41.15 40.89
CA GLU A 94 -13.33 -42.12 40.72
C GLU A 94 -12.96 -43.60 40.56
N GLU A 95 -12.01 -43.94 39.71
CA GLU A 95 -11.42 -45.19 39.80
CA GLU A 95 -11.40 -45.19 39.79
C GLU A 95 -11.03 -45.72 41.34
N GLY A 96 -10.54 -45.00 42.33
CA GLY A 96 -11.10 -44.98 43.67
C GLY A 96 -11.31 -46.28 44.44
N LYS A 97 -12.38 -46.36 45.19
CA LYS A 97 -13.73 -46.24 44.70
C LYS A 97 -14.03 -47.15 43.55
N ILE A 98 -13.02 -48.08 43.28
CA ILE A 98 -13.40 -49.36 42.73
C ILE A 98 -13.08 -50.46 43.75
N GLU A 99 -14.13 -51.16 44.18
CA GLU A 99 -14.10 -52.49 44.83
C GLU A 99 -13.38 -53.50 43.94
N ASP A 100 -12.16 -53.91 44.32
CA ASP A 100 -11.37 -54.86 43.52
C ASP A 100 -10.00 -54.29 43.12
N GLU A 101 -8.96 -54.51 43.93
CA GLU A 101 -7.58 -54.04 43.66
C GLU A 101 -7.11 -54.19 42.20
N GLN A 102 -7.05 -55.41 41.70
CA GLN A 102 -6.56 -55.66 40.36
C GLN A 102 -7.25 -54.85 39.26
N THR A 103 -8.56 -54.68 39.39
CA THR A 103 -9.33 -53.99 38.36
C THR A 103 -9.15 -52.49 38.52
N ARG A 104 -9.20 -52.01 39.76
CA ARG A 104 -8.79 -50.66 40.07
C ARG A 104 -7.40 -50.36 39.44
N ILE A 105 -6.33 -50.98 39.96
CA ILE A 105 -4.95 -50.89 39.42
C ILE A 105 -4.90 -50.84 37.88
N GLU A 106 -5.58 -51.79 37.22
CA GLU A 106 -5.66 -51.88 35.76
C GLU A 106 -6.14 -50.54 35.20
N LYS A 107 -7.30 -50.10 35.69
CA LYS A 107 -7.97 -48.92 35.22
C LYS A 107 -7.17 -47.62 35.44
N ILE A 108 -6.69 -47.41 36.65
CA ILE A 108 -5.83 -46.27 36.93
C ILE A 108 -4.51 -46.28 36.15
N ARG A 109 -3.93 -47.45 35.96
CA ARG A 109 -2.81 -47.48 35.09
C ARG A 109 -3.16 -47.07 33.66
N ASN A 110 -4.31 -47.47 33.10
CA ASN A 110 -4.61 -47.14 31.71
C ASN A 110 -4.89 -45.63 31.60
N GLY A 111 -5.55 -45.08 32.63
CA GLY A 111 -5.82 -43.65 32.77
C GLY A 111 -4.56 -42.79 32.74
N TYR A 112 -3.61 -43.07 33.65
CA TYR A 112 -2.28 -42.42 33.65
C TYR A 112 -1.56 -42.53 32.32
N MET A 113 -1.66 -43.68 31.68
CA MET A 113 -0.92 -43.90 30.44
C MET A 113 -1.56 -43.12 29.26
N ARG A 114 -2.90 -43.09 29.20
CA ARG A 114 -3.64 -42.22 28.26
C ARG A 114 -3.34 -40.71 28.46
N ALA A 115 -3.42 -40.21 29.70
CA ALA A 115 -2.99 -38.82 29.96
C ALA A 115 -1.57 -38.55 29.47
N LEU A 116 -0.60 -39.42 29.76
CA LEU A 116 0.84 -39.08 29.59
C LEU A 116 1.22 -38.98 28.11
N GLN A 117 0.40 -39.62 27.28
CA GLN A 117 0.55 -39.52 25.84
C GLN A 117 -0.11 -38.28 25.28
N THR A 118 -0.74 -37.49 26.13
CA THR A 118 -1.51 -36.29 25.68
C THR A 118 -0.78 -34.99 25.99
N PRO A 119 -0.40 -34.21 24.97
CA PRO A 119 0.17 -32.87 25.32
C PRO A 119 -0.90 -31.97 25.99
N MET A 120 -0.71 -31.58 27.26
CA MET A 120 -1.75 -30.81 27.94
C MET A 120 -1.14 -30.04 29.09
N GLY A 121 -1.81 -28.99 29.57
CA GLY A 121 -1.30 -28.26 30.74
C GLY A 121 -1.27 -29.20 31.93
N SER A 122 -0.36 -28.92 32.87
CA SER A 122 -0.30 -29.60 34.17
C SER A 122 0.11 -31.08 34.07
N LEU A 123 0.63 -31.51 32.92
CA LEU A 123 1.15 -32.86 32.73
C LEU A 123 2.25 -33.32 33.76
N SER A 124 3.06 -32.39 34.26
CA SER A 124 4.04 -32.75 35.31
C SER A 124 3.38 -33.23 36.61
N GLU A 125 2.26 -32.63 36.98
CA GLU A 125 1.52 -32.99 38.18
C GLU A 125 0.91 -34.38 38.05
N LEU A 126 0.40 -34.72 36.86
CA LEU A 126 0.03 -36.11 36.60
C LEU A 126 1.26 -37.06 36.60
N TRP A 127 2.43 -36.54 36.22
CA TRP A 127 3.62 -37.36 36.21
C TRP A 127 4.05 -37.69 37.66
N LYS A 128 3.93 -36.73 38.55
CA LYS A 128 4.26 -36.96 39.95
C LYS A 128 3.30 -38.01 40.46
N ASP A 129 1.99 -37.82 40.21
CA ASP A 129 0.97 -38.76 40.70
C ASP A 129 1.20 -40.17 40.16
N PHE A 130 1.51 -40.27 38.89
CA PHE A 130 1.82 -41.53 38.28
C PHE A 130 3.03 -42.28 38.91
N GLU A 131 4.13 -41.57 39.15
CA GLU A 131 5.32 -42.19 39.72
C GLU A 131 5.01 -42.67 41.15
N ASN A 132 4.36 -41.81 41.96
CA ASN A 132 3.89 -42.13 43.30
C ASN A 132 3.04 -43.39 43.40
N PHE A 133 2.22 -43.60 42.38
CA PHE A 133 1.29 -44.71 42.31
C PHE A 133 2.04 -46.04 42.04
N GLU A 134 2.94 -46.02 41.07
CA GLU A 134 3.69 -47.22 40.68
C GLU A 134 4.67 -47.71 41.75
N LEU A 135 5.32 -46.75 42.42
CA LEU A 135 6.35 -47.02 43.44
C LEU A 135 5.69 -47.58 44.68
N GLU A 136 4.52 -47.03 45.00
CA GLU A 136 3.70 -47.50 46.13
C GLU A 136 3.43 -49.00 45.99
N LEU A 137 3.06 -49.45 44.79
CA LEU A 137 2.85 -50.86 44.52
C LEU A 137 4.11 -51.73 44.73
N ASN A 138 5.26 -51.18 44.31
CA ASN A 138 6.56 -51.92 44.24
C ASN A 138 7.69 -50.95 43.81
N LYS A 139 8.62 -50.67 44.74
CA LYS A 139 9.72 -49.68 44.51
C LYS A 139 10.62 -50.04 43.36
N ILE A 140 10.72 -51.35 43.15
CA ILE A 140 11.60 -51.92 42.15
C ILE A 140 10.97 -52.08 40.76
N THR A 141 9.93 -52.89 40.67
CA THR A 141 9.26 -53.00 39.40
C THR A 141 8.68 -51.60 39.01
N GLY A 142 8.16 -50.85 39.99
CA GLY A 142 7.66 -49.53 39.74
C GLY A 142 8.65 -48.56 39.15
N LYS A 143 9.87 -48.47 39.71
CA LYS A 143 10.95 -47.61 39.12
C LYS A 143 11.22 -47.97 37.65
N LYS A 144 11.15 -49.24 37.32
CA LYS A 144 11.38 -49.64 35.95
C LYS A 144 10.18 -49.23 35.06
N ILE A 145 8.96 -49.38 35.59
CA ILE A 145 7.76 -48.99 34.83
C ILE A 145 7.84 -47.47 34.49
N VAL A 146 8.09 -46.65 35.51
CA VAL A 146 8.29 -45.20 35.40
C VAL A 146 9.44 -44.83 34.46
N GLY A 147 10.58 -45.49 34.59
CA GLY A 147 11.69 -45.26 33.68
C GLY A 147 11.32 -45.48 32.23
N ASP A 148 10.54 -46.51 31.97
CA ASP A 148 10.09 -46.83 30.63
C ASP A 148 9.04 -45.86 30.05
N THR A 149 8.42 -45.08 30.91
CA THR A 149 7.33 -44.19 30.51
C THR A 149 7.85 -42.74 30.47
N LEU A 150 9.02 -42.51 31.07
CA LEU A 150 9.63 -41.19 31.04
C LEU A 150 9.73 -40.56 29.64
N PRO A 151 10.17 -41.30 28.61
CA PRO A 151 10.32 -40.60 27.32
C PRO A 151 8.99 -40.17 26.70
N ILE A 152 7.93 -40.93 26.99
CA ILE A 152 6.57 -40.61 26.58
C ILE A 152 6.15 -39.29 27.20
N PHE A 153 6.29 -39.21 28.52
CA PHE A 153 5.89 -38.05 29.21
C PHE A 153 6.65 -36.86 28.66
N GLN A 154 7.96 -37.04 28.48
CA GLN A 154 8.86 -35.98 28.02
C GLN A 154 8.47 -35.52 26.63
N SER A 155 8.08 -36.45 25.77
CA SER A 155 7.65 -36.08 24.44
C SER A 155 6.40 -35.22 24.51
N SER A 156 5.48 -35.57 25.40
CA SER A 156 4.17 -34.85 25.46
C SER A 156 4.36 -33.50 26.11
N PHE A 157 5.23 -33.46 27.11
CA PHE A 157 5.60 -32.19 27.75
C PHE A 157 6.20 -31.22 26.74
N GLN A 158 7.13 -31.72 25.94
CA GLN A 158 7.77 -30.89 24.92
C GLN A 158 6.76 -30.36 23.91
N ARG A 159 5.93 -31.25 23.39
CA ARG A 159 4.95 -30.89 22.37
C ARG A 159 4.04 -29.76 22.86
N TYR A 160 3.66 -29.83 24.13
CA TYR A 160 2.72 -28.87 24.71
C TYR A 160 3.36 -27.49 24.85
N GLN A 161 4.69 -27.47 25.00
CA GLN A 161 5.43 -26.21 25.09
C GLN A 161 5.18 -25.41 23.84
N GLN A 162 4.94 -26.06 22.72
CA GLN A 162 4.66 -25.32 21.49
C GLN A 162 3.15 -24.99 21.33
N ILE A 163 2.28 -25.76 22.00
CA ILE A 163 0.79 -25.55 21.96
C ILE A 163 0.38 -24.47 22.96
N GLN A 164 1.08 -24.45 24.12
CA GLN A 164 0.72 -23.64 25.25
C GLN A 164 0.52 -22.15 24.89
N PRO A 165 1.45 -21.56 24.11
CA PRO A 165 1.22 -20.12 23.87
C PRO A 165 0.05 -19.85 22.90
N LEU A 166 -0.27 -20.80 22.05
CA LEU A 166 -1.49 -20.70 21.17
C LEU A 166 -2.84 -20.72 21.94
N ILE A 167 -2.89 -21.49 23.06
CA ILE A 167 -4.08 -21.62 23.91
C ILE A 167 -4.18 -20.41 24.81
N ARG A 168 -3.04 -20.01 25.39
CA ARG A 168 -2.99 -18.76 26.21
C ARG A 168 -3.39 -17.51 25.43
N GLY A 169 -3.19 -17.52 24.10
CA GLY A 169 -3.50 -16.36 23.26
C GLY A 169 -4.59 -16.71 22.26
N TRP A 170 -5.45 -17.62 22.64
CA TRP A 170 -6.48 -18.17 21.79
C TRP A 170 -7.19 -17.16 20.98
N SER A 171 -7.25 -17.43 19.67
CA SER A 171 -7.82 -16.48 18.74
C SER A 171 -7.93 -17.26 17.47
N VAL A 172 -8.68 -16.71 16.54
CA VAL A 172 -8.72 -17.33 15.19
C VAL A 172 -7.33 -17.55 14.67
N LYS A 173 -6.48 -16.54 14.78
CA LYS A 173 -5.16 -16.65 14.26
C LYS A 173 -4.33 -17.71 14.96
N ASN A 174 -4.41 -17.78 16.31
CA ASN A 174 -3.71 -18.85 16.99
C ASN A 174 -4.34 -20.19 16.87
N ALA A 175 -5.68 -20.28 16.81
CA ALA A 175 -6.35 -21.51 16.31
C ALA A 175 -5.75 -21.96 14.94
N ALA A 176 -5.70 -21.04 13.96
CA ALA A 176 -5.06 -21.36 12.62
C ALA A 176 -3.61 -21.85 12.83
N ARG A 177 -2.84 -21.20 13.73
CA ARG A 177 -1.50 -21.69 14.01
C ARG A 177 -1.52 -23.09 14.65
N LEU A 178 -2.43 -23.32 15.55
CA LEU A 178 -2.44 -24.66 16.13
C LEU A 178 -2.70 -25.68 15.01
N ILE A 179 -3.64 -25.38 14.12
CA ILE A 179 -3.88 -26.29 12.94
C ILE A 179 -2.61 -26.55 12.13
N ASP A 180 -1.88 -25.50 11.81
CA ASP A 180 -0.64 -25.62 11.02
C ASP A 180 0.41 -26.46 11.73
N LEU A 181 0.53 -26.30 13.06
CA LEU A 181 1.53 -27.03 13.80
C LEU A 181 1.22 -28.57 13.85
N GLU A 182 -0.05 -28.91 13.97
CA GLU A 182 -0.47 -30.31 14.09
C GLU A 182 -0.49 -30.99 12.72
N MET A 183 -0.72 -30.19 11.67
CA MET A 183 -0.56 -30.66 10.24
C MET A 183 0.89 -31.05 9.89
N GLU A 184 1.85 -30.50 10.62
CA GLU A 184 3.23 -30.86 10.35
C GLU A 184 3.56 -32.31 10.80
N ASN A 185 2.79 -32.83 11.79
CA ASN A 185 2.83 -34.24 12.22
C ASN A 185 4.22 -34.65 12.73
N GLY A 186 4.64 -34.04 13.84
CA GLY A 186 5.96 -34.29 14.44
C GLY A 186 6.12 -35.65 15.12
N MET A 187 4.99 -36.29 15.39
CA MET A 187 4.96 -37.61 16.01
C MET A 187 4.74 -38.67 14.94
N LYS A 188 4.63 -38.21 13.69
CA LYS A 188 4.60 -39.13 12.55
C LYS A 188 3.43 -40.07 12.82
N LEU A 189 2.30 -39.47 13.19
CA LEU A 189 1.05 -40.20 13.38
C LEU A 189 0.71 -40.95 12.11
N GLY A 190 0.28 -42.20 12.28
CA GLY A 190 -0.19 -42.97 11.15
C GLY A 190 -1.30 -42.16 10.54
N GLY A 191 -1.67 -42.52 9.31
CA GLY A 191 -2.74 -41.84 8.58
C GLY A 191 -3.99 -41.68 9.42
N ARG A 192 -4.50 -42.79 9.95
CA ARG A 192 -5.80 -42.75 10.60
C ARG A 192 -5.89 -41.98 11.95
N PRO A 193 -4.91 -42.16 12.88
CA PRO A 193 -4.95 -41.29 14.11
C PRO A 193 -4.52 -39.83 13.92
N HIS A 194 -3.79 -39.52 12.85
CA HIS A 194 -3.55 -38.11 12.52
C HIS A 194 -4.87 -37.43 12.07
N GLU A 195 -5.59 -38.09 11.16
CA GLU A 195 -6.92 -37.65 10.71
CA GLU A 195 -6.89 -37.60 10.71
C GLU A 195 -7.84 -37.40 11.92
N SER A 196 -7.82 -38.34 12.86
CA SER A 196 -8.62 -38.28 14.08
C SER A 196 -8.25 -37.07 14.95
N ARG A 197 -6.95 -36.88 15.16
CA ARG A 197 -6.38 -35.66 15.75
C ARG A 197 -6.92 -34.35 15.07
N MET A 198 -6.89 -34.31 13.74
CA MET A 198 -7.29 -33.12 13.01
C MET A 198 -8.76 -32.85 13.07
N HIS A 199 -9.57 -33.91 13.06
CA HIS A 199 -10.99 -33.77 13.18
C HIS A 199 -11.37 -33.21 14.54
N PHE A 200 -10.70 -33.67 15.57
CA PHE A 200 -10.95 -33.12 16.91
C PHE A 200 -10.56 -31.65 16.93
N ILE A 201 -9.36 -31.34 16.47
CA ILE A 201 -8.91 -29.98 16.47
C ILE A 201 -9.86 -29.03 15.71
N HIS A 202 -10.25 -29.35 14.46
CA HIS A 202 -11.16 -28.49 13.73
C HIS A 202 -12.55 -28.38 14.35
N ASN A 203 -13.11 -29.46 14.81
CA ASN A 203 -14.46 -29.40 15.46
C ASN A 203 -14.43 -28.51 16.76
N TYR A 204 -13.35 -28.60 17.53
CA TYR A 204 -13.12 -27.76 18.76
C TYR A 204 -13.11 -26.28 18.35
N ILE A 205 -12.46 -26.04 17.23
CA ILE A 205 -12.35 -24.64 16.70
C ILE A 205 -13.66 -24.05 16.17
N LEU A 206 -14.37 -24.82 15.35
CA LEU A 206 -15.74 -24.52 14.95
C LEU A 206 -16.66 -24.20 16.10
N ASP A 207 -16.55 -24.93 17.23
CA ASP A 207 -17.38 -24.65 18.40
C ASP A 207 -16.93 -23.40 19.05
N SER A 208 -15.60 -23.23 19.20
CA SER A 208 -15.09 -22.03 19.93
C SER A 208 -15.37 -20.71 19.18
N PHE A 209 -15.25 -20.74 17.85
CA PHE A 209 -15.50 -19.57 17.00
C PHE A 209 -16.62 -19.88 15.98
N TYR A 210 -17.75 -20.32 16.48
CA TYR A 210 -18.85 -20.78 15.66
C TYR A 210 -19.39 -19.75 14.62
N TYR A 211 -19.08 -18.49 14.83
CA TYR A 211 -19.69 -17.34 14.15
C TYR A 211 -18.73 -16.80 13.10
N ALA A 212 -17.49 -17.29 13.11
CA ALA A 212 -16.43 -16.81 12.23
C ALA A 212 -16.31 -17.63 10.93
N GLU A 213 -16.68 -17.07 9.80
CA GLU A 213 -16.47 -17.80 8.48
C GLU A 213 -15.10 -18.50 8.30
N GLU A 214 -13.96 -17.85 8.68
CA GLU A 214 -12.61 -18.50 8.63
C GLU A 214 -12.52 -19.95 9.02
N VAL A 215 -13.17 -20.36 10.08
CA VAL A 215 -12.87 -21.62 10.67
C VAL A 215 -13.57 -22.74 9.90
N TYR A 216 -14.71 -22.44 9.33
CA TYR A 216 -15.39 -23.39 8.38
C TYR A 216 -14.58 -23.54 7.09
N PHE A 217 -14.01 -22.43 6.59
CA PHE A 217 -13.01 -22.52 5.54
C PHE A 217 -11.87 -23.39 5.96
N PHE A 218 -11.30 -23.24 7.18
CA PHE A 218 -10.13 -24.02 7.61
C PHE A 218 -10.42 -25.51 7.48
N TYR A 219 -11.58 -25.92 8.02
CA TYR A 219 -11.98 -27.33 8.13
C TYR A 219 -12.27 -27.89 6.73
N SER A 220 -13.06 -27.16 5.94
CA SER A 220 -13.39 -27.55 4.51
C SER A 220 -12.13 -27.87 3.73
N GLU A 221 -11.14 -26.94 3.76
CA GLU A 221 -9.90 -27.11 3.06
C GLU A 221 -9.11 -28.33 3.57
N TYR A 222 -9.15 -28.59 4.88
CA TYR A 222 -8.54 -29.79 5.45
C TYR A 222 -9.20 -31.04 4.88
N LEU A 223 -10.52 -31.08 4.89
CA LEU A 223 -11.29 -32.24 4.41
C LEU A 223 -11.17 -32.48 2.90
N ILE A 224 -11.22 -31.42 2.09
CA ILE A 224 -10.88 -31.49 0.64
C ILE A 224 -9.54 -32.22 0.43
N GLY A 225 -8.52 -31.85 1.18
CA GLY A 225 -7.20 -32.39 1.04
C GLY A 225 -7.03 -33.86 1.36
N ILE A 226 -7.94 -34.41 2.18
CA ILE A 226 -7.86 -35.81 2.59
C ILE A 226 -8.95 -36.55 1.86
N GLY A 227 -9.39 -36.00 0.71
CA GLY A 227 -10.41 -36.63 -0.10
C GLY A 227 -11.74 -36.86 0.57
N GLN A 228 -12.19 -35.85 1.35
CA GLN A 228 -13.48 -35.88 2.06
C GLN A 228 -14.25 -34.64 1.67
N LYS A 229 -14.53 -34.49 0.38
CA LYS A 229 -15.13 -33.26 -0.08
C LYS A 229 -16.65 -33.18 0.17
N GLU A 230 -17.35 -34.32 0.29
CA GLU A 230 -18.79 -34.23 0.68
C GLU A 230 -18.92 -33.83 2.14
N LYS A 231 -17.99 -34.29 2.98
CA LYS A 231 -17.93 -33.84 4.38
C LYS A 231 -17.70 -32.32 4.39
N ALA A 232 -16.75 -31.86 3.56
CA ALA A 232 -16.43 -30.42 3.41
C ALA A 232 -17.62 -29.55 2.99
N LYS A 233 -18.40 -29.99 1.98
CA LYS A 233 -19.60 -29.25 1.59
C LYS A 233 -20.65 -29.05 2.71
N LYS A 234 -20.87 -30.09 3.55
CA LYS A 234 -21.73 -29.95 4.74
C LYS A 234 -21.12 -29.03 5.86
N VAL A 235 -19.81 -29.06 6.06
CA VAL A 235 -19.12 -28.04 6.91
C VAL A 235 -19.48 -26.63 6.43
N VAL A 236 -19.29 -26.37 5.14
CA VAL A 236 -19.63 -25.07 4.55
C VAL A 236 -21.08 -24.76 4.67
N GLU A 237 -21.96 -25.75 4.47
CA GLU A 237 -23.35 -25.44 4.61
C GLU A 237 -23.66 -24.98 6.07
N ARG A 238 -23.04 -25.62 7.07
CA ARG A 238 -23.20 -25.16 8.49
C ARG A 238 -22.71 -23.74 8.70
N GLY A 239 -21.53 -23.45 8.19
CA GLY A 239 -20.94 -22.10 8.28
C GLY A 239 -21.81 -21.00 7.70
N ILE A 240 -22.41 -21.23 6.51
CA ILE A 240 -23.28 -20.22 5.88
C ILE A 240 -24.45 -19.87 6.82
N GLU A 241 -24.98 -20.88 7.51
CA GLU A 241 -26.05 -20.70 8.51
C GLU A 241 -25.53 -19.95 9.76
N MET A 242 -24.28 -20.19 10.14
CA MET A 242 -23.72 -19.61 11.40
C MET A 242 -23.02 -18.25 11.33
N SER A 243 -22.61 -17.86 10.16
CA SER A 243 -21.91 -16.59 9.96
C SER A 243 -22.84 -15.73 9.17
N ASP A 244 -22.50 -14.47 9.08
CA ASP A 244 -23.41 -13.45 8.54
C ASP A 244 -22.84 -12.63 7.37
N GLY A 245 -21.87 -13.21 6.65
CA GLY A 245 -21.27 -12.55 5.51
C GLY A 245 -21.46 -13.33 4.22
N MET A 246 -20.67 -12.99 3.21
CA MET A 246 -20.87 -13.54 1.87
C MET A 246 -19.60 -14.23 1.37
N PHE A 247 -18.64 -14.41 2.26
CA PHE A 247 -17.51 -15.28 2.00
C PHE A 247 -17.87 -16.76 1.77
N LEU A 248 -18.44 -17.43 2.78
CA LEU A 248 -18.64 -18.89 2.64
C LEU A 248 -19.55 -19.28 1.49
N SER A 249 -20.44 -18.37 1.13
CA SER A 249 -21.43 -18.61 0.01
C SER A 249 -20.70 -18.52 -1.31
N LEU A 250 -19.71 -17.62 -1.42
CA LEU A 250 -18.92 -17.53 -2.68
C LEU A 250 -17.99 -18.72 -2.84
N TYR A 251 -17.47 -19.14 -1.71
CA TYR A 251 -16.62 -20.31 -1.60
C TYR A 251 -17.47 -21.55 -1.93
N TYR A 252 -18.46 -21.63 -1.68
CA TYR A 252 -19.43 -22.73 -1.80
C TYR A 252 -19.92 -22.89 -3.23
N GLY A 253 -20.28 -21.76 -3.76
CA GLY A 253 -20.61 -21.67 -5.21
C GLY A 253 -19.49 -22.16 -6.09
N LEU A 254 -18.29 -21.67 -5.82
CA LEU A 254 -17.15 -21.87 -6.69
C LEU A 254 -16.40 -23.15 -6.47
N VAL A 255 -16.18 -23.47 -5.20
CA VAL A 255 -15.44 -24.67 -4.82
C VAL A 255 -16.35 -25.94 -4.76
N MET A 256 -17.61 -25.77 -4.38
CA MET A 256 -18.45 -26.97 -4.26
C MET A 256 -19.27 -27.14 -5.54
N ASP A 257 -19.06 -26.23 -6.52
CA ASP A 257 -19.75 -26.16 -7.80
C ASP A 257 -21.23 -26.09 -7.57
N GLU A 258 -21.72 -24.98 -7.06
CA GLU A 258 -23.14 -24.87 -6.66
C GLU A 258 -23.71 -23.55 -7.09
N GLU A 259 -24.18 -23.49 -8.36
CA GLU A 259 -24.54 -22.25 -9.01
C GLU A 259 -25.75 -21.67 -8.37
N ALA A 260 -26.54 -22.53 -7.73
CA ALA A 260 -27.76 -22.13 -7.09
C ALA A 260 -27.51 -21.05 -6.08
N VAL A 261 -26.34 -21.10 -5.44
CA VAL A 261 -26.05 -20.11 -4.37
C VAL A 261 -26.11 -18.69 -4.83
N TYR A 262 -25.78 -18.43 -6.10
CA TYR A 262 -25.85 -17.03 -6.64
C TYR A 262 -27.22 -16.40 -6.59
N GLY A 263 -28.25 -17.17 -6.90
CA GLY A 263 -29.61 -16.62 -6.81
C GLY A 263 -30.16 -16.51 -5.38
N ASP A 264 -29.74 -17.43 -4.52
CA ASP A 264 -30.04 -17.47 -3.09
C ASP A 264 -29.42 -16.27 -2.39
N LEU A 265 -28.25 -15.85 -2.85
CA LEU A 265 -27.62 -14.64 -2.32
C LEU A 265 -28.29 -13.36 -2.85
N LYS A 266 -28.68 -13.40 -4.13
CA LYS A 266 -29.43 -12.34 -4.81
C LYS A 266 -30.73 -12.00 -4.09
N ARG A 267 -31.40 -13.00 -3.54
CA ARG A 267 -32.55 -12.81 -2.63
C ARG A 267 -32.17 -12.11 -1.30
N LYS A 268 -31.28 -12.72 -0.50
CA LYS A 268 -30.85 -12.14 0.79
C LYS A 268 -30.56 -10.64 0.67
N TYR A 269 -30.27 -10.20 -0.56
CA TYR A 269 -29.66 -8.89 -0.79
C TYR A 269 -30.53 -7.97 -1.63
N SER A 270 -31.69 -8.49 -2.04
CA SER A 270 -32.65 -7.77 -2.84
C SER A 270 -34.01 -8.39 -2.66
N PHE A 281 -27.71 -2.04 -0.51
CA PHE A 281 -26.94 -3.28 -0.84
C PHE A 281 -26.47 -3.36 -2.33
N SER A 282 -26.37 -2.21 -3.01
CA SER A 282 -25.72 -2.12 -4.32
C SER A 282 -24.31 -2.73 -4.30
N LYS A 283 -23.47 -2.38 -3.34
CA LYS A 283 -22.09 -2.87 -3.30
C LYS A 283 -22.02 -4.38 -3.14
N GLU A 284 -22.85 -4.93 -2.29
CA GLU A 284 -22.91 -6.37 -2.15
C GLU A 284 -23.47 -7.04 -3.42
N LEU A 285 -24.43 -6.38 -4.07
CA LEU A 285 -25.01 -6.91 -5.30
C LEU A 285 -23.96 -6.94 -6.39
N ASP A 286 -23.13 -5.91 -6.45
CA ASP A 286 -22.10 -5.85 -7.47
C ASP A 286 -21.02 -6.89 -7.17
N LEU A 287 -20.60 -7.06 -5.91
CA LEU A 287 -19.64 -8.18 -5.59
C LEU A 287 -20.22 -9.57 -5.98
N LEU A 288 -21.48 -9.77 -5.71
CA LEU A 288 -22.09 -11.04 -5.97
C LEU A 288 -22.15 -11.28 -7.48
N ARG A 289 -22.44 -10.23 -8.23
CA ARG A 289 -22.54 -10.33 -9.73
C ARG A 289 -21.16 -10.62 -10.31
N ILE A 290 -20.13 -9.90 -9.86
CA ILE A 290 -18.76 -10.17 -10.33
C ILE A 290 -18.33 -11.62 -10.07
N ASN A 291 -18.62 -12.11 -8.86
CA ASN A 291 -18.36 -13.50 -8.57
C ASN A 291 -19.25 -14.58 -9.24
N HIS A 292 -20.45 -14.22 -9.58
CA HIS A 292 -21.28 -15.12 -10.32
C HIS A 292 -20.68 -15.21 -11.74
N LEU A 293 -20.32 -14.05 -12.30
CA LEU A 293 -19.76 -13.97 -13.63
C LEU A 293 -18.50 -14.81 -13.67
N ASN A 294 -17.71 -14.79 -12.56
CA ASN A 294 -16.53 -15.64 -12.55
C ASN A 294 -16.83 -17.17 -12.53
N TYR A 295 -17.85 -17.59 -11.78
CA TYR A 295 -18.29 -18.97 -11.74
C TYR A 295 -18.62 -19.47 -13.16
N VAL A 296 -19.42 -18.70 -13.86
CA VAL A 296 -19.83 -19.02 -15.25
C VAL A 296 -18.63 -19.04 -16.16
N LEU A 297 -17.67 -18.12 -15.97
CA LEU A 297 -16.49 -18.09 -16.78
C LEU A 297 -15.71 -19.36 -16.60
N LYS A 298 -15.44 -19.72 -15.38
CA LYS A 298 -14.62 -20.90 -15.13
C LYS A 298 -15.40 -22.13 -15.61
N LYS A 299 -16.69 -22.16 -15.44
CA LYS A 299 -17.42 -23.39 -15.74
C LYS A 299 -17.73 -23.55 -17.26
N ARG A 300 -18.13 -22.46 -17.89
CA ARG A 300 -18.70 -22.51 -19.24
C ARG A 300 -17.92 -21.63 -20.25
N GLY A 301 -16.95 -20.86 -19.74
CA GLY A 301 -16.10 -20.05 -20.63
C GLY A 301 -16.62 -18.69 -20.96
N LEU A 302 -15.81 -17.94 -21.78
CA LEU A 302 -16.13 -16.55 -22.19
C LEU A 302 -17.46 -16.27 -22.85
N GLU A 303 -17.97 -17.18 -23.65
CA GLU A 303 -19.15 -16.88 -24.41
C GLU A 303 -20.36 -16.82 -23.45
N LEU A 304 -20.42 -17.72 -22.46
CA LEU A 304 -21.52 -17.80 -21.49
C LEU A 304 -21.32 -16.70 -20.42
N PHE A 305 -20.06 -16.41 -20.16
CA PHE A 305 -19.68 -15.19 -19.35
C PHE A 305 -20.31 -13.90 -19.93
N ARG A 306 -20.12 -13.65 -21.23
CA ARG A 306 -20.76 -12.55 -21.90
C ARG A 306 -22.27 -12.58 -21.92
N LYS A 307 -22.89 -13.74 -22.08
CA LYS A 307 -24.39 -13.79 -22.04
C LYS A 307 -24.93 -13.29 -20.68
N LEU A 308 -24.34 -13.84 -19.62
CA LEU A 308 -24.63 -13.38 -18.29
C LEU A 308 -24.36 -11.91 -18.20
N PHE A 309 -23.19 -11.38 -18.62
CA PHE A 309 -22.97 -9.91 -18.62
C PHE A 309 -24.11 -9.10 -19.28
N ILE A 310 -24.50 -9.52 -20.48
CA ILE A 310 -25.58 -8.84 -21.22
C ILE A 310 -26.88 -8.80 -20.46
N GLU A 311 -27.27 -9.93 -19.88
CA GLU A 311 -28.51 -10.05 -19.14
C GLU A 311 -28.47 -9.20 -17.86
N LEU A 312 -27.30 -8.84 -17.45
CA LEU A 312 -27.13 -8.03 -16.23
C LEU A 312 -27.27 -6.51 -16.26
N GLY A 313 -26.72 -5.84 -17.24
CA GLY A 313 -27.35 -5.68 -18.52
C GLY A 313 -28.73 -5.13 -18.50
N ASN A 314 -28.85 -3.91 -18.01
CA ASN A 314 -30.08 -3.33 -17.57
C ASN A 314 -31.26 -4.26 -17.40
N GLU A 315 -31.02 -5.28 -16.64
CA GLU A 315 -31.12 -5.20 -15.22
C GLU A 315 -30.36 -4.14 -14.40
N GLY A 316 -29.30 -3.56 -14.91
CA GLY A 316 -28.61 -2.47 -14.24
C GLY A 316 -27.68 -2.96 -13.13
N VAL A 317 -26.37 -2.59 -13.32
CA VAL A 317 -25.27 -3.04 -12.46
C VAL A 317 -24.36 -1.82 -12.24
N GLY A 318 -23.49 -1.90 -11.23
CA GLY A 318 -22.69 -0.75 -10.80
C GLY A 318 -21.38 -0.67 -11.55
N PRO A 319 -20.68 0.50 -11.47
CA PRO A 319 -19.43 0.65 -12.19
C PRO A 319 -18.38 -0.52 -12.11
N HIS A 320 -18.13 -1.08 -10.92
CA HIS A 320 -17.19 -2.14 -10.73
C HIS A 320 -17.41 -3.31 -11.68
N VAL A 321 -18.69 -3.57 -12.03
CA VAL A 321 -19.04 -4.74 -12.87
C VAL A 321 -18.51 -4.53 -14.30
N PHE A 322 -18.69 -3.32 -14.86
CA PHE A 322 -18.05 -2.87 -16.13
C PHE A 322 -16.53 -2.95 -16.10
N ILE A 323 -15.90 -2.38 -15.07
CA ILE A 323 -14.44 -2.45 -14.95
C ILE A 323 -13.92 -3.88 -14.88
N TYR A 324 -14.58 -4.69 -14.07
CA TYR A 324 -14.21 -6.09 -13.89
C TYR A 324 -14.23 -6.82 -15.27
N CYS A 325 -15.31 -6.66 -16.00
CA CYS A 325 -15.51 -7.36 -17.30
C CYS A 325 -14.57 -6.89 -18.37
N ALA A 326 -14.30 -5.58 -18.43
CA ALA A 326 -13.26 -5.04 -19.31
C ALA A 326 -11.91 -5.65 -19.08
N PHE A 327 -11.49 -5.73 -17.81
CA PHE A 327 -10.27 -6.51 -17.50
C PHE A 327 -10.22 -8.01 -17.95
N ILE A 328 -11.30 -8.73 -17.70
CA ILE A 328 -11.34 -10.13 -17.92
C ILE A 328 -11.21 -10.28 -19.46
N GLU A 329 -11.83 -9.39 -20.23
CA GLU A 329 -11.72 -9.48 -21.72
C GLU A 329 -10.37 -9.08 -22.23
N TYR A 330 -9.81 -7.99 -21.71
CA TYR A 330 -8.44 -7.73 -22.14
C TYR A 330 -7.44 -8.89 -21.90
N TYR A 331 -7.40 -9.38 -20.66
CA TYR A 331 -6.38 -10.34 -20.23
C TYR A 331 -6.59 -11.71 -20.77
N ALA A 332 -7.86 -12.05 -21.04
CA ALA A 332 -8.26 -13.33 -21.57
C ALA A 332 -8.15 -13.52 -23.10
N THR A 333 -8.44 -12.46 -23.86
CA THR A 333 -8.40 -12.46 -25.36
C THR A 333 -7.39 -11.47 -26.05
N GLY A 334 -6.83 -10.51 -25.32
CA GLY A 334 -5.95 -9.52 -25.97
C GLY A 334 -6.61 -8.36 -26.69
N SER A 335 -7.93 -8.39 -26.78
CA SER A 335 -8.64 -7.32 -27.45
C SER A 335 -8.51 -6.00 -26.75
N ARG A 336 -8.31 -4.94 -27.55
CA ARG A 336 -8.41 -3.55 -27.06
C ARG A 336 -9.76 -2.92 -27.34
N ALA A 337 -10.42 -3.29 -28.45
CA ALA A 337 -11.78 -2.74 -28.73
C ALA A 337 -12.83 -3.10 -27.65
N THR A 338 -12.74 -4.33 -27.15
CA THR A 338 -13.77 -4.93 -26.33
C THR A 338 -13.79 -4.35 -24.91
N PRO A 339 -12.63 -4.27 -24.27
CA PRO A 339 -12.52 -3.47 -23.02
C PRO A 339 -12.90 -2.01 -23.16
N TYR A 340 -12.44 -1.36 -24.23
CA TYR A 340 -12.80 0.05 -24.56
C TYR A 340 -14.29 0.23 -24.56
N ASN A 341 -14.97 -0.63 -25.33
CA ASN A 341 -16.42 -0.59 -25.39
C ASN A 341 -17.14 -0.84 -24.05
N ILE A 342 -16.61 -1.77 -23.27
CA ILE A 342 -17.26 -2.03 -21.98
C ILE A 342 -17.11 -0.84 -21.02
N PHE A 343 -15.89 -0.32 -20.90
CA PHE A 343 -15.63 0.86 -20.08
C PHE A 343 -16.56 1.99 -20.51
N SER A 344 -16.68 2.17 -21.81
CA SER A 344 -17.49 3.24 -22.45
C SER A 344 -18.97 3.16 -22.13
N SER A 345 -19.47 1.94 -22.24
CA SER A 345 -20.84 1.59 -21.85
C SER A 345 -21.03 1.83 -20.34
N GLY A 346 -20.06 1.44 -19.52
CA GLY A 346 -20.19 1.73 -18.08
C GLY A 346 -20.27 3.22 -17.76
N LEU A 347 -19.52 4.01 -18.50
CA LEU A 347 -19.44 5.45 -18.28
C LEU A 347 -20.72 6.16 -18.74
N LEU A 348 -21.39 5.58 -19.73
CA LEU A 348 -22.69 6.07 -20.16
C LEU A 348 -23.80 5.73 -19.14
N LYS A 349 -23.73 4.56 -18.51
CA LYS A 349 -24.67 4.23 -17.44
C LYS A 349 -24.29 5.05 -16.19
N HIS A 350 -23.03 5.40 -16.02
CA HIS A 350 -22.56 5.97 -14.76
C HIS A 350 -21.72 7.22 -15.01
N PRO A 351 -22.33 8.30 -15.57
CA PRO A 351 -21.49 9.40 -16.07
C PRO A 351 -20.64 10.15 -15.02
N ASP A 352 -21.01 10.04 -13.75
CA ASP A 352 -20.34 10.80 -12.68
C ASP A 352 -19.38 9.90 -11.92
N SER A 353 -19.01 8.76 -12.53
CA SER A 353 -18.17 7.80 -11.79
C SER A 353 -16.70 8.11 -11.94
N THR A 354 -16.07 8.65 -10.90
CA THR A 354 -14.63 8.93 -10.91
C THR A 354 -13.84 7.64 -10.99
N LEU A 355 -14.35 6.61 -10.33
CA LEU A 355 -13.68 5.34 -10.33
C LEU A 355 -13.53 4.81 -11.74
N LEU A 356 -14.65 4.77 -12.43
CA LEU A 356 -14.63 4.41 -13.84
C LEU A 356 -13.71 5.30 -14.71
N LYS A 357 -13.74 6.63 -14.52
CA LYS A 357 -12.95 7.54 -15.41
C LYS A 357 -11.49 7.26 -15.20
N GLU A 358 -11.10 7.12 -13.94
CA GLU A 358 -9.71 6.89 -13.58
C GLU A 358 -9.28 5.49 -13.97
N GLU A 359 -10.13 4.48 -13.76
CA GLU A 359 -9.76 3.15 -14.07
C GLU A 359 -9.65 2.96 -15.60
N PHE A 360 -10.53 3.58 -16.36
CA PHE A 360 -10.57 3.47 -17.79
C PHE A 360 -9.33 4.18 -18.38
N PHE A 361 -9.08 5.41 -17.96
CA PHE A 361 -7.91 6.13 -18.41
C PHE A 361 -6.58 5.40 -18.10
N LEU A 362 -6.34 5.01 -16.84
CA LEU A 362 -5.10 4.31 -16.50
C LEU A 362 -4.95 3.02 -17.25
N PHE A 363 -6.03 2.30 -17.46
CA PHE A 363 -5.98 1.07 -18.26
C PHE A 363 -5.41 1.36 -19.64
N LEU A 364 -5.95 2.37 -20.32
CA LEU A 364 -5.54 2.63 -21.72
C LEU A 364 -4.05 3.02 -21.81
N LEU A 365 -3.57 3.82 -20.83
CA LEU A 365 -2.19 4.25 -20.78
C LEU A 365 -1.24 3.06 -20.51
N ARG A 366 -1.65 2.16 -19.61
CA ARG A 366 -0.81 1.03 -19.23
C ARG A 366 -0.60 -0.03 -20.30
N ILE A 367 -1.57 -0.24 -21.17
CA ILE A 367 -1.46 -1.31 -22.17
C ILE A 367 -0.90 -0.76 -23.44
N GLY A 368 -0.78 0.57 -23.48
CA GLY A 368 -0.10 1.29 -24.52
C GLY A 368 -1.02 1.77 -25.62
N ASP A 369 -2.29 2.03 -25.28
CA ASP A 369 -3.30 2.43 -26.24
C ASP A 369 -3.32 3.97 -26.25
N GLU A 370 -2.22 4.54 -26.76
CA GLU A 370 -1.94 5.95 -26.55
C GLU A 370 -2.96 6.94 -27.09
N GLU A 371 -3.44 6.73 -28.31
CA GLU A 371 -4.30 7.76 -28.89
C GLU A 371 -5.72 7.74 -28.26
N ASN A 372 -6.24 6.54 -27.99
CA ASN A 372 -7.44 6.41 -27.21
C ASN A 372 -7.24 7.00 -25.81
N ALA A 373 -6.11 6.76 -25.15
CA ALA A 373 -5.93 7.35 -23.78
C ALA A 373 -5.97 8.93 -23.77
N ARG A 374 -5.22 9.53 -24.70
CA ARG A 374 -5.18 11.00 -24.84
C ARG A 374 -6.54 11.62 -25.13
N ALA A 375 -7.24 11.05 -26.12
CA ALA A 375 -8.58 11.48 -26.51
C ALA A 375 -9.55 11.28 -25.39
N LEU A 376 -9.43 10.20 -24.62
CA LEU A 376 -10.29 10.05 -23.45
C LEU A 376 -10.01 11.09 -22.40
N PHE A 377 -8.74 11.29 -22.08
CA PHE A 377 -8.25 12.24 -21.07
C PHE A 377 -8.85 13.60 -21.34
N LYS A 378 -8.94 13.96 -22.62
CA LYS A 378 -9.18 15.31 -22.92
C LYS A 378 -10.66 15.60 -22.82
N ARG A 379 -11.50 14.55 -22.87
CA ARG A 379 -12.94 14.76 -22.66
C ARG A 379 -13.48 14.52 -21.23
N LEU A 380 -12.67 13.93 -20.36
CA LEU A 380 -13.09 13.58 -19.00
C LEU A 380 -12.73 14.66 -17.99
N GLU A 381 -13.47 14.67 -16.88
CA GLU A 381 -13.02 15.24 -15.63
C GLU A 381 -11.93 14.30 -15.07
N LYS A 382 -11.08 14.87 -14.19
CA LYS A 382 -9.79 14.29 -13.79
C LYS A 382 -9.47 14.39 -12.30
N THR A 383 -9.01 13.28 -11.75
CA THR A 383 -8.31 13.27 -10.47
C THR A 383 -6.89 13.84 -10.68
N SER A 384 -6.27 14.29 -9.59
CA SER A 384 -4.83 14.55 -9.57
C SER A 384 -4.01 13.38 -10.00
N ARG A 385 -4.48 12.16 -9.75
CA ARG A 385 -3.72 10.99 -10.24
C ARG A 385 -3.83 10.83 -11.76
N MET A 386 -4.97 11.12 -12.38
CA MET A 386 -5.03 11.09 -13.84
C MET A 386 -4.09 12.17 -14.44
N TRP A 387 -4.16 13.37 -13.92
CA TRP A 387 -3.25 14.49 -14.24
C TRP A 387 -1.80 14.06 -14.15
N ASP A 388 -1.41 13.62 -12.98
CA ASP A 388 -0.04 13.16 -12.71
C ASP A 388 0.46 12.03 -13.64
N SER A 389 -0.38 11.03 -13.87
CA SER A 389 -0.05 9.93 -14.77
C SER A 389 0.13 10.41 -16.22
N MET A 390 -0.77 11.27 -16.69
CA MET A 390 -0.66 11.89 -18.06
C MET A 390 0.58 12.87 -18.16
N ILE A 391 0.85 13.65 -17.12
CA ILE A 391 2.04 14.51 -17.14
C ILE A 391 3.29 13.63 -17.32
N GLU A 392 3.36 12.59 -16.52
CA GLU A 392 4.54 11.73 -16.47
C GLU A 392 4.75 11.04 -17.79
N TYR A 393 3.66 10.51 -18.34
CA TYR A 393 3.70 9.88 -19.66
C TYR A 393 4.20 10.80 -20.73
N GLU A 394 3.71 12.04 -20.77
CA GLU A 394 4.17 13.04 -21.78
C GLU A 394 5.65 13.42 -21.61
N PHE A 395 6.08 13.63 -20.38
CA PHE A 395 7.52 13.80 -20.10
C PHE A 395 8.34 12.61 -20.63
N MET A 396 7.87 11.40 -20.39
CA MET A 396 8.62 10.19 -20.71
C MET A 396 8.74 9.98 -22.26
N VAL A 397 7.61 9.87 -22.96
CA VAL A 397 7.61 9.53 -24.37
C VAL A 397 6.86 10.52 -25.29
N GLY A 398 6.53 11.72 -24.79
CA GLY A 398 5.86 12.75 -25.57
C GLY A 398 6.80 13.91 -25.89
N SER A 399 6.28 15.12 -25.87
CA SER A 399 7.09 16.31 -26.10
C SER A 399 7.12 17.24 -24.90
N MET A 400 8.15 18.08 -24.86
CA MET A 400 8.24 19.07 -23.79
C MET A 400 7.21 20.20 -23.85
N GLU A 401 6.83 20.66 -25.03
CA GLU A 401 5.82 21.71 -25.08
C GLU A 401 4.47 21.20 -24.61
N LEU A 402 4.15 19.95 -24.92
CA LEU A 402 2.92 19.34 -24.37
C LEU A 402 2.93 19.02 -22.89
N PHE A 403 4.03 18.54 -22.35
CA PHE A 403 4.29 18.46 -20.90
C PHE A 403 4.02 19.80 -20.20
N ARG A 404 4.58 20.87 -20.76
CA ARG A 404 4.42 22.21 -20.19
C ARG A 404 2.96 22.63 -20.15
N GLU A 405 2.22 22.40 -21.23
CA GLU A 405 0.79 22.70 -21.26
C GLU A 405 -0.05 21.92 -20.25
N LEU A 406 0.24 20.61 -20.15
CA LEU A 406 -0.41 19.73 -19.17
C LEU A 406 -0.18 20.28 -17.78
N VAL A 407 1.08 20.59 -17.45
CA VAL A 407 1.42 21.24 -16.17
C VAL A 407 0.66 22.56 -15.97
N ASP A 408 0.54 23.37 -17.03
CA ASP A 408 -0.26 24.62 -16.97
C ASP A 408 -1.70 24.34 -16.58
N GLN A 409 -2.31 23.48 -17.37
CA GLN A 409 -3.66 23.00 -17.18
C GLN A 409 -3.95 22.39 -15.81
N LYS A 410 -3.04 21.56 -15.32
CA LYS A 410 -3.16 21.05 -13.97
C LYS A 410 -3.18 22.16 -12.93
N MET A 411 -2.24 23.11 -13.05
CA MET A 411 -2.25 24.26 -12.12
C MET A 411 -3.55 25.04 -12.26
N ASP A 412 -3.98 25.29 -13.47
CA ASP A 412 -5.24 25.96 -13.65
C ASP A 412 -6.34 25.18 -13.01
N ALA A 413 -6.28 23.84 -13.07
CA ALA A 413 -7.39 23.00 -12.55
C ALA A 413 -7.45 23.00 -11.04
N ILE A 414 -6.29 23.05 -10.38
CA ILE A 414 -6.20 23.03 -8.91
C ILE A 414 -6.74 24.37 -8.45
N LYS A 415 -6.41 25.43 -9.19
CA LYS A 415 -6.92 26.82 -8.96
C LYS A 415 -8.46 26.96 -8.98
N ALA A 416 -9.09 26.43 -10.03
CA ALA A 416 -10.56 26.39 -10.18
C ALA A 416 -11.28 25.30 -9.33
N ASP A 417 -10.52 24.56 -8.54
CA ASP A 417 -11.04 23.44 -7.71
C ASP A 417 -11.89 22.59 -8.61
N ALA A 418 -11.36 22.35 -9.81
CA ALA A 418 -11.95 21.48 -10.79
C ALA A 418 -11.49 20.01 -10.64
N ILE A 419 -10.53 19.76 -9.76
CA ILE A 419 -10.01 18.42 -9.55
C ILE A 419 -11.08 17.48 -8.95
N LEU A 420 -11.21 16.26 -9.48
CA LEU A 420 -12.13 15.30 -8.82
C LEU A 420 -11.45 14.83 -7.57
N PRO A 421 -12.19 14.76 -6.43
CA PRO A 421 -11.61 14.16 -5.21
C PRO A 421 -11.05 12.77 -5.55
N PRO A 422 -9.96 12.39 -4.87
CA PRO A 422 -9.25 11.14 -5.04
C PRO A 422 -10.04 9.88 -4.73
N LEU A 423 -9.72 8.83 -5.46
CA LEU A 423 -10.19 7.49 -5.10
C LEU A 423 -9.58 7.13 -3.74
N PRO A 424 -10.31 6.29 -2.95
CA PRO A 424 -9.78 5.77 -1.69
C PRO A 424 -8.46 5.06 -1.90
N PRO A 425 -7.51 5.24 -0.97
CA PRO A 425 -6.26 4.47 -0.96
C PRO A 425 -6.58 2.96 -1.02
N ARG A 426 -5.67 2.15 -1.57
CA ARG A 426 -5.91 0.71 -1.69
C ARG A 426 -5.05 -0.12 -0.72
N ASN A 429 -2.75 -4.39 3.36
CA ASN A 429 -2.86 -5.44 4.37
C ASN A 429 -1.48 -6.05 4.67
N VAL A 430 -1.46 -7.13 5.44
CA VAL A 430 -0.24 -7.78 5.94
C VAL A 430 -0.30 -9.20 5.34
N GLN A 431 0.75 -9.98 5.49
CA GLN A 431 0.75 -11.32 4.93
C GLN A 431 0.56 -12.40 6.01
N MET A 432 -0.49 -13.19 5.87
CA MET A 432 -0.72 -14.33 6.75
C MET A 432 -0.11 -15.58 6.09
N GLU A 433 0.10 -16.61 6.90
CA GLU A 433 0.71 -17.86 6.46
C GLU A 433 -0.16 -19.04 6.87
N GLY A 434 0.26 -20.23 6.51
CA GLY A 434 -0.58 -21.43 6.56
C GLY A 434 -2.05 -21.24 6.26
N ILE A 435 -2.88 -21.94 7.02
CA ILE A 435 -4.30 -22.00 6.72
C ILE A 435 -4.96 -20.62 6.69
N LEU A 436 -4.54 -19.70 7.58
CA LEU A 436 -5.17 -18.41 7.61
C LEU A 436 -4.77 -17.59 6.37
N GLY A 437 -3.51 -17.69 6.01
CA GLY A 437 -3.00 -17.10 4.80
C GLY A 437 -3.76 -17.61 3.55
N ARG A 438 -4.05 -18.91 3.53
CA ARG A 438 -5.00 -19.48 2.52
C ARG A 438 -6.41 -18.83 2.50
N TYR A 439 -7.02 -18.57 3.66
CA TYR A 439 -8.28 -17.87 3.80
C TYR A 439 -8.16 -16.51 3.11
N HIS A 440 -7.13 -15.74 3.53
CA HIS A 440 -6.82 -14.43 2.91
C HIS A 440 -6.61 -14.40 1.38
N CYS A 441 -6.02 -15.44 0.85
CA CYS A 441 -5.88 -15.58 -0.61
C CYS A 441 -7.23 -15.70 -1.29
N PHE A 442 -8.18 -16.41 -0.67
CA PHE A 442 -9.54 -16.65 -1.26
C PHE A 442 -10.33 -15.40 -1.09
N LEU A 443 -10.15 -14.74 0.04
CA LEU A 443 -10.82 -13.47 0.31
C LEU A 443 -10.39 -12.30 -0.60
N ASP A 444 -9.10 -12.08 -0.69
CA ASP A 444 -8.56 -11.07 -1.62
C ASP A 444 -9.04 -11.27 -3.08
N SER A 445 -9.22 -12.54 -3.44
CA SER A 445 -9.62 -12.99 -4.81
C SER A 445 -11.04 -12.70 -5.02
N PHE A 446 -11.92 -13.11 -4.09
CA PHE A 446 -13.32 -12.65 -4.12
C PHE A 446 -13.47 -11.10 -4.18
N ASN A 447 -12.75 -10.40 -3.29
CA ASN A 447 -12.77 -8.93 -3.31
C ASN A 447 -12.25 -8.33 -4.63
N PHE A 448 -12.81 -7.15 -4.99
CA PHE A 448 -12.43 -6.46 -6.26
C PHE A 448 -12.27 -4.95 -6.09
N LEU A 449 -11.06 -4.48 -6.28
CA LEU A 449 -10.74 -3.07 -6.11
C LEU A 449 -11.13 -2.61 -4.71
N ASP A 450 -11.97 -1.59 -4.57
CA ASP A 450 -12.45 -1.19 -3.20
C ASP A 450 -13.73 -1.96 -2.75
N LEU A 451 -14.20 -2.95 -3.51
CA LEU A 451 -15.36 -3.73 -3.05
C LEU A 451 -14.84 -4.84 -2.15
N LYS A 452 -15.32 -4.90 -0.90
CA LYS A 452 -14.84 -5.87 0.09
C LYS A 452 -16.05 -6.59 0.66
N ILE A 453 -15.92 -7.90 0.85
CA ILE A 453 -16.87 -8.69 1.61
C ILE A 453 -16.79 -8.26 3.10
N ARG A 454 -17.90 -8.27 3.82
CA ARG A 454 -17.82 -8.25 5.28
C ARG A 454 -19.00 -8.99 5.95
N ASP A 455 -18.73 -9.44 7.16
CA ASP A 455 -19.73 -9.96 8.03
C ASP A 455 -20.24 -8.79 8.86
N ASN A 456 -21.50 -8.44 8.65
CA ASN A 456 -22.05 -7.24 9.24
C ASN A 456 -22.37 -7.45 10.68
N SER A 457 -22.10 -8.63 11.20
CA SER A 457 -22.51 -8.86 12.58
C SER A 457 -21.32 -9.03 13.51
N ARG A 458 -20.11 -9.05 12.96
CA ARG A 458 -18.88 -9.22 13.71
C ARG A 458 -18.25 -7.88 13.85
N LEU A 459 -17.63 -7.64 15.03
CA LEU A 459 -16.94 -6.39 15.36
C LEU A 459 -15.45 -6.66 15.41
N LEU A 460 -14.72 -6.17 14.40
CA LEU A 460 -13.33 -6.50 14.10
C LEU A 460 -12.39 -5.31 14.54
N ASP A 461 -11.08 -5.41 14.28
CA ASP A 461 -10.14 -4.43 14.79
C ASP A 461 -10.53 -2.93 14.61
N GLU A 462 -11.28 -2.62 13.55
CA GLU A 462 -11.64 -1.24 13.19
C GLU A 462 -13.17 -0.97 13.30
N PHE A 463 -13.83 -1.73 14.18
CA PHE A 463 -15.29 -1.65 14.37
C PHE A 463 -15.86 -0.23 14.55
N MET A 464 -15.06 0.69 15.11
CA MET A 464 -15.60 2.02 15.45
C MET A 464 -15.92 2.77 14.12
N GLU A 465 -15.14 2.41 13.11
CA GLU A 465 -15.54 2.46 11.70
C GLU A 465 -14.81 3.61 11.01
N SER B 12 30.32 34.04 -1.25
CA SER B 12 30.00 35.35 -1.86
C SER B 12 28.50 35.54 -1.79
N SER B 13 27.97 35.27 -0.60
CA SER B 13 26.55 35.36 -0.34
C SER B 13 26.15 36.83 -0.09
N PRO B 14 24.86 37.17 -0.28
CA PRO B 14 24.42 38.49 0.23
C PRO B 14 25.11 38.92 1.54
N SER B 15 24.98 38.13 2.61
CA SER B 15 25.49 38.54 3.95
C SER B 15 27.02 38.71 4.02
N ALA B 16 27.75 37.96 3.18
CA ALA B 16 29.19 37.94 3.20
C ALA B 16 29.79 39.11 2.39
N ILE B 17 29.07 39.54 1.38
CA ILE B 17 29.38 40.81 0.67
C ILE B 17 29.12 42.00 1.63
N MET B 18 28.00 41.93 2.33
CA MET B 18 27.58 42.91 3.32
C MET B 18 28.61 43.14 4.43
N GLU B 19 29.05 42.04 5.02
CA GLU B 19 29.99 42.03 6.12
C GLU B 19 31.38 42.49 5.68
N HIS B 20 31.80 42.10 4.48
CA HIS B 20 33.04 42.59 3.85
C HIS B 20 32.99 44.10 3.62
N ALA B 21 31.90 44.56 3.00
CA ALA B 21 31.61 45.99 2.79
C ALA B 21 31.67 46.82 4.06
N ARG B 22 31.09 46.29 5.14
CA ARG B 22 31.06 46.99 6.41
C ARG B 22 32.48 47.07 7.06
N ARG B 23 33.20 45.94 7.06
CA ARG B 23 34.65 45.92 7.41
C ARG B 23 35.51 46.94 6.65
N LEU B 24 35.42 46.93 5.32
CA LEU B 24 36.12 47.92 4.44
C LEU B 24 35.76 49.38 4.74
N TYR B 25 34.47 49.62 5.04
CA TYR B 25 33.97 50.93 5.54
C TYR B 25 34.67 51.29 6.85
N MET B 26 34.51 50.42 7.84
CA MET B 26 35.16 50.61 9.14
C MET B 26 36.68 50.81 9.04
N SER B 27 37.32 50.07 8.14
CA SER B 27 38.78 50.18 7.89
C SER B 27 39.19 51.50 7.25
N LYS B 28 38.20 52.24 6.71
CA LYS B 28 38.42 53.33 5.74
C LYS B 28 39.30 52.93 4.54
N ASP B 29 39.09 51.70 4.10
CA ASP B 29 39.58 51.31 2.80
C ASP B 29 38.51 51.66 1.75
N TYR B 30 38.58 52.89 1.24
CA TYR B 30 37.57 53.45 0.34
C TYR B 30 37.82 53.12 -1.13
N ARG B 31 39.09 52.89 -1.47
CA ARG B 31 39.47 52.36 -2.78
C ARG B 31 38.83 50.98 -3.02
N SER B 32 39.02 50.06 -2.08
CA SER B 32 38.36 48.75 -2.06
C SER B 32 36.82 48.78 -1.93
N LEU B 33 36.31 49.57 -1.00
CA LEU B 33 34.85 49.71 -0.85
C LEU B 33 34.18 50.17 -2.16
N GLU B 34 34.83 51.12 -2.84
CA GLU B 34 34.31 51.72 -4.08
C GLU B 34 34.30 50.77 -5.26
N SER B 35 35.33 49.88 -5.34
CA SER B 35 35.35 48.74 -6.31
C SER B 35 34.28 47.70 -5.97
N LEU B 36 33.98 47.55 -4.68
CA LEU B 36 33.05 46.54 -4.19
C LEU B 36 31.62 46.90 -4.62
N PHE B 37 31.25 48.14 -4.34
CA PHE B 37 30.00 48.71 -4.78
C PHE B 37 29.93 48.71 -6.31
N GLY B 38 30.97 49.23 -6.95
CA GLY B 38 31.17 49.13 -8.38
C GLY B 38 30.77 47.80 -8.96
N ARG B 39 31.26 46.72 -8.36
CA ARG B 39 30.94 45.34 -8.80
C ARG B 39 29.61 44.74 -8.29
N CYS B 40 29.16 45.12 -7.09
CA CYS B 40 28.09 44.38 -6.38
C CYS B 40 26.77 45.09 -6.16
N LEU B 41 26.78 46.44 -6.16
CA LEU B 41 25.57 47.21 -5.86
C LEU B 41 24.38 47.03 -6.83
N TRP B 42 24.57 47.34 -8.11
CA TRP B 42 23.51 47.12 -9.10
C TRP B 42 22.84 45.76 -8.85
N LYS B 43 23.68 44.74 -8.74
CA LYS B 43 23.23 43.37 -8.55
C LYS B 43 22.63 42.97 -7.19
N SER B 44 22.79 43.79 -6.16
CA SER B 44 22.34 43.42 -4.82
C SER B 44 20.89 43.80 -4.53
N TYR B 45 20.12 42.84 -4.00
CA TYR B 45 18.72 43.10 -3.57
C TYR B 45 18.65 43.12 -2.06
N ASN B 46 19.79 43.48 -1.48
CA ASN B 46 19.94 43.56 -0.05
C ASN B 46 19.91 45.05 0.36
N LEU B 47 18.83 45.47 1.07
CA LEU B 47 18.63 46.90 1.41
C LEU B 47 19.70 47.53 2.33
N ASP B 48 19.95 46.92 3.47
CA ASP B 48 21.21 47.06 4.16
C ASP B 48 22.19 46.97 3.03
N LEU B 49 23.15 47.86 2.89
CA LEU B 49 24.09 47.74 1.78
C LEU B 49 23.92 48.81 0.76
N TRP B 50 22.73 48.85 0.16
CA TRP B 50 22.23 50.07 -0.39
C TRP B 50 22.24 51.13 0.68
N MET B 51 21.73 50.82 1.83
CA MET B 51 21.69 51.81 2.91
C MET B 51 23.10 52.24 3.36
N LEU B 52 24.04 51.30 3.30
CA LEU B 52 25.43 51.57 3.57
C LEU B 52 26.09 52.38 2.46
N TYR B 53 25.64 52.16 1.23
CA TYR B 53 26.05 52.99 0.12
C TYR B 53 25.66 54.43 0.37
N ILE B 54 24.46 54.61 0.93
CA ILE B 54 23.93 55.91 1.37
C ILE B 54 24.78 56.49 2.53
N GLU B 55 24.98 55.70 3.59
CA GLU B 55 25.88 56.12 4.68
C GLU B 55 27.26 56.59 4.14
N TYR B 56 27.92 55.75 3.32
CA TYR B 56 29.14 56.16 2.61
C TYR B 56 29.05 57.45 1.74
N VAL B 57 28.07 57.54 0.83
CA VAL B 57 27.89 58.73 0.02
C VAL B 57 27.70 60.01 0.88
N ARG B 58 27.06 59.85 2.03
CA ARG B 58 26.82 60.95 2.97
C ARG B 58 28.12 61.62 3.48
N LYS B 59 29.26 60.92 3.36
CA LYS B 59 30.54 61.41 3.89
C LYS B 59 31.61 61.69 2.83
N PHE B 68 20.74 62.16 -2.30
CA PHE B 68 19.27 62.26 -2.26
C PHE B 68 18.68 62.07 -3.66
N GLU B 69 19.50 62.42 -4.65
CA GLU B 69 19.45 61.87 -5.99
C GLU B 69 19.86 60.40 -5.89
N VAL B 70 20.33 60.05 -4.69
CA VAL B 70 20.87 58.74 -4.34
C VAL B 70 19.86 57.95 -3.50
N TYR B 71 18.72 58.57 -3.20
CA TYR B 71 17.55 57.86 -2.69
C TYR B 71 16.66 57.46 -3.83
N GLU B 72 16.68 58.28 -4.88
CA GLU B 72 16.07 57.96 -6.17
C GLU B 72 16.72 56.76 -6.84
N PHE B 73 18.07 56.71 -6.81
CA PHE B 73 18.87 55.56 -7.34
C PHE B 73 18.58 54.25 -6.60
N THR B 74 18.46 54.33 -5.27
CA THR B 74 18.02 53.23 -4.40
C THR B 74 16.55 52.82 -4.62
N LEU B 75 15.65 53.81 -4.68
CA LEU B 75 14.26 53.58 -5.08
C LEU B 75 14.08 52.99 -6.46
N GLY B 76 15.06 53.17 -7.35
CA GLY B 76 15.07 52.45 -8.65
C GLY B 76 15.04 50.95 -8.37
N GLN B 77 15.77 50.55 -7.33
CA GLN B 77 15.89 49.14 -6.96
C GLN B 77 14.78 48.63 -6.05
N PHE B 78 14.42 49.42 -5.02
CA PHE B 78 13.53 48.97 -3.97
C PHE B 78 12.15 49.66 -3.92
N GLU B 79 11.69 50.26 -5.01
CA GLU B 79 10.39 50.98 -5.01
C GLU B 79 9.18 50.04 -4.82
N ASN B 80 9.33 48.78 -5.22
CA ASN B 80 8.21 47.82 -5.15
C ASN B 80 8.21 47.05 -3.84
N TYR B 81 9.21 47.33 -2.98
CA TYR B 81 9.48 46.60 -1.74
C TYR B 81 8.56 46.93 -0.59
N TRP B 82 8.08 45.88 0.08
CA TRP B 82 7.16 45.96 1.20
C TRP B 82 7.81 46.47 2.47
N ASP B 83 9.09 46.79 2.44
CA ASP B 83 9.69 47.42 3.61
C ASP B 83 10.43 48.70 3.24
N SER B 84 9.92 49.40 2.23
CA SER B 84 10.59 50.57 1.67
C SER B 84 10.23 51.89 2.39
N TYR B 85 9.37 51.80 3.39
CA TYR B 85 8.75 52.95 4.08
C TYR B 85 9.75 53.99 4.63
N GLY B 86 10.76 53.53 5.37
CA GLY B 86 11.80 54.42 5.87
C GLY B 86 12.59 55.01 4.71
N LEU B 87 12.80 54.20 3.67
CA LEU B 87 13.45 54.69 2.46
C LEU B 87 12.56 55.75 1.77
N PHE B 88 11.25 55.49 1.63
CA PHE B 88 10.33 56.44 1.00
C PHE B 88 10.28 57.70 1.89
N LYS B 89 10.11 57.49 3.21
CA LYS B 89 10.16 58.58 4.22
C LYS B 89 11.38 59.50 4.09
N GLU B 90 12.59 58.93 4.16
CA GLU B 90 13.81 59.74 4.12
C GLU B 90 13.96 60.54 2.81
N TYR B 91 13.51 59.98 1.71
CA TYR B 91 13.64 60.59 0.39
C TYR B 91 12.93 61.96 0.22
N ARG B 109 7.49 64.82 -4.89
CA ARG B 109 6.49 64.04 -4.17
C ARG B 109 5.09 64.30 -4.70
N ASN B 110 4.90 64.05 -6.00
CA ASN B 110 4.57 62.73 -6.49
C ASN B 110 5.60 61.68 -6.07
N GLY B 111 6.33 61.98 -5.00
CA GLY B 111 7.08 60.96 -4.28
C GLY B 111 6.08 60.17 -3.46
N TYR B 112 5.17 60.88 -2.81
CA TYR B 112 4.10 60.28 -2.01
C TYR B 112 3.16 59.48 -2.85
N MET B 113 3.19 59.71 -4.20
CA MET B 113 2.11 59.26 -5.08
C MET B 113 2.22 57.77 -5.36
N ARG B 114 3.42 57.31 -5.66
CA ARG B 114 3.63 55.95 -6.17
C ARG B 114 4.51 55.15 -5.21
N ALA B 115 4.65 55.63 -3.99
CA ALA B 115 4.70 54.76 -2.81
C ALA B 115 3.32 54.28 -2.41
N LEU B 116 2.39 55.22 -2.29
CA LEU B 116 0.98 54.88 -2.12
C LEU B 116 0.49 53.78 -3.09
N GLN B 117 1.18 53.58 -4.21
CA GLN B 117 0.87 52.47 -5.12
C GLN B 117 1.60 51.17 -4.79
N THR B 118 2.38 51.17 -3.71
CA THR B 118 3.04 49.93 -3.25
C THR B 118 2.55 49.42 -1.87
N PRO B 119 2.12 48.15 -1.84
CA PRO B 119 1.80 47.55 -0.55
C PRO B 119 3.09 47.50 0.29
N MET B 120 3.04 48.11 1.49
CA MET B 120 4.21 48.18 2.35
C MET B 120 3.78 48.34 3.80
N GLY B 121 4.65 48.00 4.75
CA GLY B 121 4.37 48.25 6.15
C GLY B 121 4.38 49.75 6.44
N SER B 122 3.36 50.23 7.15
CA SER B 122 3.25 51.63 7.54
C SER B 122 2.80 52.58 6.40
N LEU B 123 2.07 52.04 5.41
CA LEU B 123 1.57 52.86 4.32
C LEU B 123 0.58 53.93 4.84
N SER B 124 -0.12 53.58 5.92
CA SER B 124 -1.15 54.43 6.51
C SER B 124 -0.52 55.67 7.18
N GLU B 125 0.77 55.54 7.50
CA GLU B 125 1.58 56.59 8.12
C GLU B 125 2.31 57.38 7.03
N LEU B 126 1.93 57.10 5.78
CA LEU B 126 2.40 57.82 4.59
C LEU B 126 1.20 58.52 3.93
N TRP B 127 0.05 57.87 3.99
CA TRP B 127 -1.21 58.48 3.62
C TRP B 127 -1.51 59.65 4.56
N LYS B 128 -1.59 59.38 5.87
CA LYS B 128 -1.80 60.41 6.87
C LYS B 128 -0.91 61.64 6.61
N ASP B 129 0.32 61.39 6.15
CA ASP B 129 1.27 62.46 5.87
C ASP B 129 1.14 63.11 4.46
N PHE B 130 0.64 62.35 3.46
CA PHE B 130 0.47 62.83 2.07
C PHE B 130 -0.61 63.91 1.90
N THR B 149 -7.48 60.00 -5.16
CA THR B 149 -6.28 59.25 -4.79
C THR B 149 -6.52 58.20 -3.67
N LEU B 150 -7.56 58.40 -2.88
CA LEU B 150 -7.92 57.49 -1.78
C LEU B 150 -8.14 56.02 -2.25
N PRO B 151 -8.89 55.79 -3.36
CA PRO B 151 -8.93 54.46 -3.96
C PRO B 151 -7.58 53.74 -4.03
N LEU B 152 -6.55 54.43 -4.52
CA LEU B 152 -5.26 53.79 -4.80
C LEU B 152 -4.56 53.28 -3.55
N PHE B 153 -4.51 54.13 -2.53
CA PHE B 153 -4.00 53.77 -1.21
C PHE B 153 -4.79 52.59 -0.59
N GLN B 154 -6.11 52.71 -0.56
CA GLN B 154 -6.98 51.68 0.02
C GLN B 154 -6.62 50.33 -0.56
N SER B 155 -6.52 50.28 -1.90
CA SER B 155 -6.10 49.09 -2.67
C SER B 155 -4.73 48.54 -2.25
N SER B 156 -3.73 49.42 -2.15
CA SER B 156 -2.40 49.01 -1.72
C SER B 156 -2.34 48.61 -0.22
N PHE B 157 -3.30 49.08 0.57
CA PHE B 157 -3.40 48.67 2.00
C PHE B 157 -4.12 47.30 2.16
N GLN B 158 -5.18 47.09 1.36
CA GLN B 158 -5.83 45.78 1.22
C GLN B 158 -4.81 44.74 0.77
N ARG B 159 -3.93 45.13 -0.15
CA ARG B 159 -2.96 44.19 -0.71
C ARG B 159 -1.95 43.72 0.33
N TYR B 160 -1.32 44.68 1.04
CA TYR B 160 -0.36 44.39 2.10
C TYR B 160 -0.90 43.46 3.20
N GLN B 161 -2.23 43.37 3.30
CA GLN B 161 -2.86 42.42 4.22
C GLN B 161 -2.57 40.99 3.79
N GLN B 162 -2.81 40.70 2.51
CA GLN B 162 -2.54 39.36 1.92
C GLN B 162 -1.05 38.99 1.93
N ILE B 163 -0.19 40.01 1.89
CA ILE B 163 1.28 39.88 1.77
C ILE B 163 1.92 39.74 3.16
N GLN B 164 1.42 40.52 4.13
CA GLN B 164 1.97 40.59 5.49
C GLN B 164 2.24 39.23 6.11
N PRO B 165 1.27 38.28 6.00
CA PRO B 165 1.56 37.04 6.70
C PRO B 165 2.62 36.18 5.98
N LEU B 166 2.79 36.37 4.67
CA LEU B 166 3.82 35.67 3.91
C LEU B 166 5.23 36.20 4.25
N ILE B 167 5.33 37.50 4.49
CA ILE B 167 6.60 38.12 4.94
C ILE B 167 6.85 37.71 6.38
N ARG B 168 5.78 37.65 7.15
CA ARG B 168 5.82 37.07 8.46
C ARG B 168 5.82 35.56 8.23
N GLY B 169 6.89 34.92 8.61
CA GLY B 169 7.06 33.57 8.13
C GLY B 169 7.70 33.38 6.77
N TRP B 170 8.43 34.39 6.31
CA TRP B 170 9.18 34.36 5.06
C TRP B 170 9.77 33.03 4.68
N SER B 171 9.73 32.71 3.39
CA SER B 171 9.41 31.39 2.83
C SER B 171 10.57 30.43 2.91
N VAL B 172 10.68 29.46 2.01
CA VAL B 172 10.84 29.54 0.56
C VAL B 172 9.45 29.31 -0.04
N LYS B 173 8.61 28.68 0.75
CA LYS B 173 7.28 28.29 0.37
C LYS B 173 6.27 29.44 0.40
N ASN B 174 6.51 30.45 1.23
CA ASN B 174 5.75 31.68 1.16
C ASN B 174 6.17 32.65 0.11
N ALA B 175 7.45 32.63 -0.24
CA ALA B 175 7.93 33.27 -1.46
C ALA B 175 7.17 32.83 -2.68
N ALA B 176 7.03 31.53 -2.85
CA ALA B 176 6.21 30.90 -3.90
C ALA B 176 4.81 31.41 -3.84
N ARG B 177 4.22 31.39 -2.64
CA ARG B 177 2.90 31.99 -2.40
C ARG B 177 2.80 33.46 -2.83
N LEU B 178 3.81 34.25 -2.46
CA LEU B 178 3.88 35.66 -2.86
C LEU B 178 3.90 35.83 -4.38
N ILE B 179 4.79 35.11 -5.04
CA ILE B 179 4.88 35.09 -6.49
C ILE B 179 3.52 34.84 -7.15
N ASP B 180 2.86 33.75 -6.75
CA ASP B 180 1.53 33.39 -7.28
C ASP B 180 0.45 34.47 -7.09
N LEU B 181 0.38 35.03 -5.88
CA LEU B 181 -0.54 36.14 -5.56
C LEU B 181 -0.32 37.36 -6.48
N GLU B 182 0.94 37.77 -6.69
CA GLU B 182 1.30 38.88 -7.58
C GLU B 182 1.13 38.59 -9.06
N MET B 183 1.36 37.35 -9.46
CA MET B 183 1.09 36.95 -10.85
C MET B 183 -0.34 37.16 -11.28
N GLU B 184 -1.29 36.93 -10.36
CA GLU B 184 -2.73 36.93 -10.68
C GLU B 184 -3.32 38.34 -10.56
N ASN B 185 -3.02 38.98 -9.42
CA ASN B 185 -3.21 40.41 -9.13
C ASN B 185 -3.50 40.69 -7.64
N ARG B 192 4.11 46.13 -18.69
CA ARG B 192 5.44 46.70 -18.37
C ARG B 192 5.73 47.02 -16.87
N PRO B 193 4.87 47.81 -16.19
CA PRO B 193 4.99 48.01 -14.72
C PRO B 193 4.81 46.75 -13.85
N HIS B 194 4.01 45.80 -14.34
CA HIS B 194 3.80 44.53 -13.62
C HIS B 194 5.05 43.68 -13.73
N GLU B 195 5.55 43.50 -14.94
CA GLU B 195 6.86 42.91 -15.18
C GLU B 195 7.97 43.47 -14.24
N SER B 196 8.02 44.79 -14.09
CA SER B 196 8.99 45.48 -13.26
C SER B 196 8.82 45.02 -11.80
N ARG B 197 7.57 45.03 -11.36
CA ARG B 197 7.23 44.52 -10.05
C ARG B 197 7.67 43.06 -9.85
N MET B 198 7.51 42.26 -10.88
CA MET B 198 7.77 40.81 -10.80
C MET B 198 9.29 40.51 -10.80
N HIS B 199 10.04 41.32 -11.53
CA HIS B 199 11.51 41.20 -11.53
C HIS B 199 12.02 41.43 -10.12
N PHE B 200 11.56 42.51 -9.45
CA PHE B 200 12.00 42.83 -8.10
C PHE B 200 11.74 41.67 -7.17
N ILE B 201 10.51 41.15 -7.20
CA ILE B 201 10.10 40.08 -6.29
C ILE B 201 10.98 38.86 -6.47
N HIS B 202 11.20 38.40 -7.71
CA HIS B 202 12.03 37.21 -7.99
C HIS B 202 13.51 37.45 -7.61
N ASN B 203 14.05 38.62 -7.92
CA ASN B 203 15.44 38.92 -7.54
C ASN B 203 15.63 39.04 -6.04
N TYR B 204 14.72 39.75 -5.38
CA TYR B 204 14.75 39.84 -3.91
C TYR B 204 14.68 38.42 -3.33
N ILE B 205 13.79 37.57 -3.85
CA ILE B 205 13.74 36.16 -3.42
C ILE B 205 15.06 35.38 -3.69
N LEU B 206 15.73 35.72 -4.79
CA LEU B 206 17.01 35.14 -5.17
C LEU B 206 18.11 35.53 -4.20
N ASP B 207 18.05 36.77 -3.72
CA ASP B 207 18.96 37.22 -2.67
C ASP B 207 18.67 36.52 -1.35
N SER B 208 17.38 36.49 -0.97
CA SER B 208 16.99 35.92 0.32
C SER B 208 17.32 34.41 0.43
N PHE B 209 17.15 33.69 -0.66
CA PHE B 209 17.33 32.22 -0.62
C PHE B 209 18.31 31.75 -1.69
N PHE B 210 19.43 32.46 -1.77
CA PHE B 210 20.44 32.26 -2.79
C PHE B 210 20.88 30.80 -2.90
N TYR B 211 20.74 30.10 -1.79
CA TYR B 211 21.15 28.71 -1.63
C TYR B 211 20.12 27.67 -2.15
N ALA B 212 18.88 28.09 -2.37
CA ALA B 212 17.79 27.15 -2.62
C ALA B 212 17.48 27.10 -4.13
N GLU B 213 17.67 25.95 -4.74
CA GLU B 213 17.57 25.86 -6.20
C GLU B 213 16.17 26.17 -6.77
N GLU B 214 15.17 26.09 -5.91
CA GLU B 214 13.76 26.35 -6.30
C GLU B 214 13.58 27.77 -6.77
N VAL B 215 14.22 28.71 -6.08
CA VAL B 215 14.08 30.13 -6.41
C VAL B 215 14.49 30.41 -7.85
N TYR B 216 15.57 29.77 -8.28
CA TYR B 216 16.13 29.98 -9.62
C TYR B 216 15.18 29.39 -10.65
N PHE B 217 14.62 28.23 -10.35
CA PHE B 217 13.59 27.63 -11.24
C PHE B 217 12.34 28.54 -11.32
N PHE B 218 11.90 29.13 -10.19
CA PHE B 218 10.70 30.03 -10.19
C PHE B 218 10.87 31.20 -11.19
N TYR B 219 11.98 31.90 -11.05
CA TYR B 219 12.35 33.04 -11.94
C TYR B 219 12.58 32.60 -13.37
N SER B 220 13.34 31.52 -13.56
CA SER B 220 13.55 31.01 -14.91
C SER B 220 12.21 30.80 -15.63
N GLU B 221 11.26 30.17 -14.92
CA GLU B 221 9.94 29.85 -15.46
C GLU B 221 9.17 31.11 -15.75
N TYR B 222 9.19 32.05 -14.81
CA TYR B 222 8.59 33.36 -15.04
C TYR B 222 9.16 34.02 -16.30
N LEU B 223 10.48 34.00 -16.40
CA LEU B 223 11.17 34.67 -17.50
C LEU B 223 10.86 34.02 -18.83
N ILE B 224 10.71 32.70 -18.83
CA ILE B 224 10.39 31.92 -20.04
C ILE B 224 8.98 32.31 -20.52
N GLY B 225 8.08 32.56 -19.59
CA GLY B 225 6.68 32.80 -19.93
C GLY B 225 6.46 34.20 -20.43
N ILE B 226 7.39 35.11 -20.09
CA ILE B 226 7.40 36.45 -20.70
C ILE B 226 8.28 36.61 -21.91
N GLY B 227 8.78 35.50 -22.42
CA GLY B 227 9.60 35.52 -23.61
C GLY B 227 11.03 35.96 -23.34
N GLN B 228 11.50 35.84 -22.09
CA GLN B 228 12.91 36.21 -21.77
C GLN B 228 13.79 34.99 -21.39
N LYS B 229 13.73 33.95 -22.23
CA LYS B 229 14.49 32.73 -22.02
C LYS B 229 16.01 32.85 -21.99
N GLU B 230 16.58 33.75 -22.77
CA GLU B 230 18.00 34.06 -22.66
C GLU B 230 18.36 34.56 -21.24
N LYS B 231 17.54 35.47 -20.69
CA LYS B 231 17.73 35.90 -19.29
C LYS B 231 17.51 34.73 -18.33
N ALA B 232 16.54 33.86 -18.63
CA ALA B 232 16.31 32.67 -17.79
C ALA B 232 17.55 31.76 -17.69
N LYS B 233 18.24 31.56 -18.82
CA LYS B 233 19.40 30.63 -18.89
C LYS B 233 20.52 31.12 -18.03
N LYS B 234 20.66 32.44 -17.98
CA LYS B 234 21.67 33.06 -17.17
C LYS B 234 21.36 32.91 -15.69
N VAL B 235 20.08 33.05 -15.33
CA VAL B 235 19.59 32.85 -13.91
C VAL B 235 19.87 31.40 -13.43
N VAL B 236 19.73 30.43 -14.33
CA VAL B 236 19.96 29.01 -14.02
C VAL B 236 21.43 28.71 -13.82
N GLU B 237 22.26 29.21 -14.76
CA GLU B 237 23.74 29.12 -14.65
C GLU B 237 24.16 29.70 -13.31
N ARG B 238 23.58 30.84 -12.95
CA ARG B 238 23.90 31.44 -11.70
C ARG B 238 23.45 30.55 -10.57
N GLY B 239 22.20 30.01 -10.66
CA GLY B 239 21.71 29.13 -9.64
C GLY B 239 22.59 27.92 -9.47
N ILE B 240 23.12 27.41 -10.57
CA ILE B 240 24.02 26.25 -10.55
C ILE B 240 25.37 26.54 -9.82
N GLU B 241 25.81 27.79 -9.86
CA GLU B 241 27.01 28.13 -9.19
C GLU B 241 26.76 28.34 -7.69
N MET B 242 25.52 28.62 -7.30
CA MET B 242 25.24 29.12 -5.94
C MET B 242 24.50 28.16 -5.03
N SER B 243 23.80 27.19 -5.60
CA SER B 243 23.07 26.19 -4.83
C SER B 243 23.73 24.87 -5.18
N ASP B 244 23.21 23.79 -4.59
CA ASP B 244 23.94 22.54 -4.51
C ASP B 244 23.45 21.29 -5.34
N GLY B 245 22.15 21.03 -5.38
CA GLY B 245 21.61 19.78 -5.99
C GLY B 245 21.79 19.50 -7.50
N MET B 246 21.47 18.26 -7.89
CA MET B 246 21.32 17.85 -9.29
C MET B 246 20.14 18.49 -10.07
N PHE B 247 19.02 18.82 -9.41
CA PHE B 247 17.81 19.38 -10.12
C PHE B 247 18.12 20.46 -11.19
N LEU B 248 18.81 21.53 -10.78
CA LEU B 248 19.00 22.69 -11.65
C LEU B 248 19.87 22.37 -12.83
N SER B 249 20.78 21.39 -12.71
CA SER B 249 21.57 20.94 -13.87
C SER B 249 20.75 20.13 -14.86
N LEU B 250 19.85 19.29 -14.33
CA LEU B 250 18.93 18.51 -15.17
C LEU B 250 17.96 19.39 -15.95
N TYR B 251 17.41 20.39 -15.25
CA TYR B 251 16.60 21.41 -15.87
C TYR B 251 17.37 22.28 -16.89
N TYR B 252 18.55 22.74 -16.51
CA TYR B 252 19.50 23.36 -17.48
C TYR B 252 19.75 22.46 -18.71
N GLY B 253 20.13 21.19 -18.54
CA GLY B 253 20.41 20.38 -19.73
C GLY B 253 19.19 20.31 -20.64
N LEU B 254 18.04 19.97 -20.05
CA LEU B 254 16.86 19.73 -20.86
C LEU B 254 16.18 21.01 -21.39
N VAL B 255 15.97 21.97 -20.53
CA VAL B 255 15.10 23.13 -20.88
C VAL B 255 15.91 24.16 -21.68
N MET B 256 17.19 24.27 -21.33
CA MET B 256 18.10 25.24 -21.97
C MET B 256 19.02 24.64 -23.02
N ASP B 257 18.82 23.35 -23.35
CA ASP B 257 19.45 22.67 -24.48
C ASP B 257 20.98 22.59 -24.36
N GLU B 258 21.45 22.02 -23.26
CA GLU B 258 22.90 21.91 -22.99
C GLU B 258 23.35 20.47 -22.63
N GLU B 259 23.60 19.64 -23.66
CA GLU B 259 23.90 18.19 -23.51
C GLU B 259 25.14 17.94 -22.67
N ALA B 260 26.01 18.95 -22.58
CA ALA B 260 27.32 18.80 -21.88
C ALA B 260 27.18 18.51 -20.40
N VAL B 261 26.05 18.91 -19.83
CA VAL B 261 25.85 18.76 -18.38
C VAL B 261 25.85 17.31 -17.92
N TYR B 262 25.36 16.43 -18.77
CA TYR B 262 25.28 15.03 -18.43
C TYR B 262 26.66 14.41 -18.28
N GLY B 263 27.55 14.67 -19.26
CA GLY B 263 28.92 14.15 -19.20
C GLY B 263 29.69 14.83 -18.09
N ASP B 264 29.54 16.14 -17.97
CA ASP B 264 30.29 16.91 -16.95
C ASP B 264 29.97 16.45 -15.53
N LEU B 265 28.69 16.28 -15.25
CA LEU B 265 28.24 15.76 -13.95
C LEU B 265 28.59 14.29 -13.68
N LYS B 266 28.68 13.50 -14.73
CA LYS B 266 29.15 12.15 -14.59
C LYS B 266 30.60 12.16 -14.10
N ARG B 267 31.47 12.88 -14.81
CA ARG B 267 32.89 13.02 -14.42
C ARG B 267 33.08 13.50 -12.98
N LYS B 268 32.25 14.46 -12.54
CA LYS B 268 32.30 15.07 -11.20
C LYS B 268 31.99 14.03 -10.12
N TYR B 269 30.84 13.39 -10.21
CA TYR B 269 30.50 12.28 -9.32
C TYR B 269 31.45 11.07 -9.45
N SER B 270 32.17 11.05 -10.57
CA SER B 270 33.28 10.12 -10.93
C SER B 270 32.88 8.87 -11.68
N LYS B 279 29.82 3.76 -7.24
CA LYS B 279 29.36 3.11 -6.01
C LYS B 279 28.68 4.03 -4.99
N VAL B 280 29.45 4.92 -4.40
CA VAL B 280 28.92 5.85 -3.40
C VAL B 280 27.90 6.81 -4.05
N PHE B 281 28.19 7.22 -5.29
CA PHE B 281 27.33 8.10 -6.09
C PHE B 281 26.62 7.36 -7.24
N SER B 282 26.42 6.05 -7.09
CA SER B 282 25.72 5.20 -8.07
C SER B 282 24.37 5.79 -8.52
N LYS B 283 23.66 6.40 -7.59
CA LYS B 283 22.31 6.85 -7.81
C LYS B 283 22.26 8.09 -8.74
N GLU B 284 23.17 9.02 -8.49
CA GLU B 284 23.45 10.17 -9.35
C GLU B 284 23.74 9.72 -10.77
N LEU B 285 24.65 8.76 -10.88
CA LEU B 285 25.13 8.30 -12.17
C LEU B 285 24.03 7.61 -12.97
N ASP B 286 23.21 6.80 -12.32
CA ASP B 286 22.06 6.18 -12.98
C ASP B 286 21.03 7.26 -13.29
N LEU B 287 20.75 8.20 -12.36
CA LEU B 287 19.81 9.27 -12.70
C LEU B 287 20.30 10.22 -13.79
N LEU B 288 21.62 10.36 -13.95
CA LEU B 288 22.17 11.15 -15.04
C LEU B 288 21.96 10.46 -16.38
N ARG B 289 22.23 9.16 -16.42
CA ARG B 289 22.06 8.36 -17.62
C ARG B 289 20.66 8.36 -18.15
N ILE B 290 19.71 8.10 -17.26
CA ILE B 290 18.32 8.13 -17.57
C ILE B 290 17.94 9.53 -18.15
N ASN B 291 18.36 10.60 -17.47
CA ASN B 291 18.01 11.94 -17.89
C ASN B 291 18.68 12.43 -19.16
N HIS B 292 19.84 11.84 -19.42
CA HIS B 292 20.65 12.08 -20.60
C HIS B 292 19.99 11.36 -21.72
N LEU B 293 19.60 10.10 -21.51
CA LEU B 293 18.81 9.38 -22.52
C LEU B 293 17.55 10.11 -22.91
N ASN B 294 16.84 10.67 -21.91
CA ASN B 294 15.59 11.44 -22.13
C ASN B 294 15.82 12.65 -22.99
N TYR B 295 16.90 13.35 -22.68
CA TYR B 295 17.39 14.49 -23.47
C TYR B 295 17.54 14.11 -24.94
N VAL B 296 18.26 13.01 -25.18
CA VAL B 296 18.54 12.55 -26.51
C VAL B 296 17.29 12.09 -27.24
N LEU B 297 16.38 11.35 -26.58
CA LEU B 297 15.11 10.99 -27.16
C LEU B 297 14.34 12.21 -27.58
N LYS B 298 14.32 13.21 -26.74
CA LYS B 298 13.58 14.41 -27.08
C LYS B 298 14.19 15.23 -28.22
N LYS B 299 15.53 15.35 -28.23
CA LYS B 299 16.17 16.33 -29.12
C LYS B 299 16.50 15.69 -30.49
N ARG B 300 16.62 14.36 -30.51
CA ARG B 300 17.21 13.61 -31.62
C ARG B 300 16.37 12.42 -32.09
N GLY B 301 15.56 11.86 -31.21
CA GLY B 301 14.71 10.78 -31.60
C GLY B 301 15.24 9.45 -31.15
N LEU B 302 14.50 8.42 -31.51
CA LEU B 302 14.73 7.11 -30.95
C LEU B 302 16.04 6.52 -31.45
N GLU B 303 16.31 6.55 -32.76
CA GLU B 303 17.57 5.92 -33.17
C GLU B 303 18.84 6.46 -32.42
N LEU B 304 18.94 7.75 -32.08
CA LEU B 304 20.06 8.26 -31.27
C LEU B 304 19.97 7.97 -29.77
N PHE B 305 18.73 7.97 -29.21
CA PHE B 305 18.44 7.36 -27.87
C PHE B 305 19.07 5.95 -27.80
N ARG B 306 18.83 5.19 -28.85
CA ARG B 306 19.25 3.80 -28.98
C ARG B 306 20.75 3.63 -29.07
N LYS B 307 21.38 4.55 -29.81
CA LYS B 307 22.83 4.62 -29.89
C LYS B 307 23.47 5.04 -28.59
N LEU B 308 22.92 6.02 -27.89
CA LEU B 308 23.48 6.41 -26.57
C LEU B 308 23.40 5.28 -25.50
N PHE B 309 22.29 4.56 -25.48
CA PHE B 309 22.17 3.37 -24.64
C PHE B 309 23.31 2.37 -24.84
N ILE B 310 23.60 2.08 -26.12
CA ILE B 310 24.61 1.08 -26.51
C ILE B 310 26.02 1.49 -26.20
N GLU B 311 26.27 2.82 -26.12
CA GLU B 311 27.57 3.42 -25.72
C GLU B 311 27.79 3.46 -24.23
N LEU B 312 26.71 3.69 -23.48
CA LEU B 312 26.74 3.71 -22.01
C LEU B 312 27.26 2.43 -21.40
N GLY B 313 27.54 1.45 -22.27
CA GLY B 313 27.51 0.03 -21.96
C GLY B 313 28.71 -0.57 -21.28
N ASN B 314 29.90 -0.05 -21.57
CA ASN B 314 31.10 -0.49 -20.84
C ASN B 314 31.30 0.28 -19.49
N GLU B 315 30.22 0.86 -18.97
CA GLU B 315 30.13 1.21 -17.54
C GLU B 315 28.97 0.47 -16.86
N GLY B 316 29.12 0.13 -15.57
CA GLY B 316 28.04 -0.44 -14.76
C GLY B 316 26.80 0.47 -14.66
N VAL B 317 25.92 0.42 -15.66
CA VAL B 317 24.68 1.16 -15.59
C VAL B 317 23.77 0.33 -14.72
N GLY B 318 23.08 0.99 -13.78
CA GLY B 318 22.25 0.29 -12.77
C GLY B 318 21.03 -0.40 -13.35
N PRO B 319 20.31 -1.14 -12.48
CA PRO B 319 19.02 -1.78 -12.81
C PRO B 319 17.99 -0.80 -13.39
N HIS B 320 17.88 0.39 -12.82
CA HIS B 320 16.86 1.35 -13.26
C HIS B 320 16.96 1.76 -14.72
N VAL B 321 18.18 1.75 -15.27
CA VAL B 321 18.45 2.36 -16.57
C VAL B 321 17.91 1.40 -17.60
N PHE B 322 18.01 0.11 -17.29
CA PHE B 322 17.45 -0.95 -18.14
C PHE B 322 15.93 -0.92 -18.13
N ILE B 323 15.33 -0.79 -16.93
CA ILE B 323 13.89 -0.73 -16.76
C ILE B 323 13.33 0.52 -17.43
N TYR B 324 14.01 1.66 -17.25
CA TYR B 324 13.61 2.86 -17.98
C TYR B 324 13.63 2.68 -19.50
N CYS B 325 14.71 2.09 -20.05
CA CYS B 325 14.80 1.89 -21.53
C CYS B 325 13.77 0.94 -22.06
N ALA B 326 13.44 -0.09 -21.25
CA ALA B 326 12.42 -1.07 -21.67
C ALA B 326 11.04 -0.40 -21.77
N PHE B 327 10.78 0.48 -20.81
CA PHE B 327 9.54 1.23 -20.79
C PHE B 327 9.49 2.26 -21.93
N ILE B 328 10.56 2.98 -22.18
CA ILE B 328 10.50 3.83 -23.39
C ILE B 328 10.22 2.99 -24.67
N GLU B 329 10.79 1.80 -24.76
CA GLU B 329 10.75 1.10 -26.01
C GLU B 329 9.35 0.60 -26.14
N TYR B 330 8.78 0.10 -25.05
CA TYR B 330 7.36 -0.33 -25.10
C TYR B 330 6.37 0.81 -25.49
N TYR B 331 6.36 1.91 -24.72
CA TYR B 331 5.38 3.01 -24.94
C TYR B 331 5.63 3.84 -26.20
N ALA B 332 6.85 3.81 -26.72
CA ALA B 332 7.18 4.61 -27.91
C ALA B 332 6.86 3.79 -29.18
N THR B 333 7.16 2.50 -29.14
CA THR B 333 7.06 1.65 -30.33
C THR B 333 5.93 0.62 -30.26
N GLY B 334 5.51 0.21 -29.07
CA GLY B 334 4.58 -0.95 -28.97
C GLY B 334 5.16 -2.37 -29.11
N SER B 335 6.45 -2.46 -29.34
CA SER B 335 7.12 -3.79 -29.31
C SER B 335 6.99 -4.42 -27.92
N ARG B 336 6.69 -5.71 -27.87
CA ARG B 336 6.81 -6.52 -26.68
C ARG B 336 8.19 -7.17 -26.63
N ALA B 337 8.72 -7.56 -27.80
CA ALA B 337 10.05 -8.23 -27.86
C ALA B 337 11.20 -7.44 -27.26
N THR B 338 11.31 -6.19 -27.68
CA THR B 338 12.45 -5.39 -27.34
C THR B 338 12.55 -5.12 -25.85
N PRO B 339 11.43 -4.65 -25.18
CA PRO B 339 11.51 -4.51 -23.69
C PRO B 339 11.82 -5.82 -22.97
N TYR B 340 11.32 -6.93 -23.49
CA TYR B 340 11.63 -8.23 -22.89
C TYR B 340 13.14 -8.44 -22.88
N ASN B 341 13.76 -8.12 -24.00
CA ASN B 341 15.19 -8.27 -24.16
C ASN B 341 15.99 -7.30 -23.35
N ILE B 342 15.51 -6.06 -23.20
CA ILE B 342 16.21 -5.09 -22.34
C ILE B 342 16.14 -5.47 -20.86
N PHE B 343 14.95 -5.90 -20.41
CA PHE B 343 14.78 -6.39 -19.02
C PHE B 343 15.66 -7.63 -18.77
N SER B 344 15.68 -8.55 -19.74
CA SER B 344 16.46 -9.81 -19.69
C SER B 344 17.96 -9.50 -19.57
N SER B 345 18.51 -8.69 -20.48
CA SER B 345 19.90 -8.14 -20.37
C SER B 345 20.22 -7.56 -19.04
N GLY B 346 19.34 -6.71 -18.55
CA GLY B 346 19.55 -6.09 -17.27
C GLY B 346 19.60 -7.06 -16.13
N LEU B 347 18.83 -8.13 -16.23
CA LEU B 347 18.79 -9.19 -15.22
C LEU B 347 20.05 -10.05 -15.24
N LEU B 348 20.62 -10.26 -16.43
CA LEU B 348 21.98 -10.82 -16.57
C LEU B 348 23.06 -9.97 -15.86
N LYS B 349 23.03 -8.64 -16.06
CA LYS B 349 23.94 -7.76 -15.31
C LYS B 349 23.69 -7.72 -13.82
N HIS B 350 22.42 -7.72 -13.40
CA HIS B 350 22.05 -7.53 -11.98
C HIS B 350 21.19 -8.70 -11.52
N PRO B 351 21.82 -9.89 -11.33
CA PRO B 351 21.13 -11.16 -11.16
C PRO B 351 20.38 -11.21 -9.83
N ASP B 352 20.81 -10.36 -8.90
CA ASP B 352 20.29 -10.21 -7.56
C ASP B 352 19.43 -8.95 -7.38
N SER B 353 18.93 -8.34 -8.44
CA SER B 353 18.13 -7.12 -8.30
C SER B 353 16.62 -7.48 -8.17
N THR B 354 16.07 -7.40 -6.98
CA THR B 354 14.64 -7.68 -6.76
C THR B 354 13.74 -6.66 -7.54
N LEU B 355 14.19 -5.41 -7.54
CA LEU B 355 13.58 -4.37 -8.38
C LEU B 355 13.37 -4.80 -9.78
N LEU B 356 14.41 -5.29 -10.45
CA LEU B 356 14.26 -5.63 -11.86
C LEU B 356 13.36 -6.87 -12.01
N LYS B 357 13.52 -7.83 -11.09
CA LYS B 357 12.74 -9.06 -11.12
C LYS B 357 11.22 -8.78 -11.02
N GLU B 358 10.86 -7.95 -10.05
CA GLU B 358 9.48 -7.54 -9.83
C GLU B 358 8.91 -6.65 -10.92
N GLU B 359 9.69 -5.65 -11.34
CA GLU B 359 9.24 -4.72 -12.35
C GLU B 359 9.14 -5.40 -13.68
N PHE B 360 10.01 -6.38 -13.97
CA PHE B 360 9.94 -7.20 -15.21
C PHE B 360 8.69 -8.09 -15.19
N PHE B 361 8.47 -8.83 -14.10
CA PHE B 361 7.31 -9.68 -14.06
C PHE B 361 6.03 -8.90 -14.17
N LEU B 362 5.91 -7.80 -13.46
CA LEU B 362 4.62 -7.09 -13.36
C LEU B 362 4.33 -6.32 -14.63
N PHE B 363 5.42 -5.88 -15.27
CA PHE B 363 5.35 -5.30 -16.60
C PHE B 363 4.82 -6.37 -17.55
N LEU B 364 5.36 -7.57 -17.54
CA LEU B 364 4.83 -8.53 -18.55
C LEU B 364 3.32 -8.87 -18.26
N LEU B 365 2.97 -9.01 -17.02
CA LEU B 365 1.59 -9.39 -16.71
C LEU B 365 0.64 -8.20 -17.06
N ARG B 366 1.07 -6.97 -16.79
CA ARG B 366 0.18 -5.82 -17.02
C ARG B 366 -0.11 -5.47 -18.45
N ILE B 367 0.86 -5.63 -19.31
CA ILE B 367 0.63 -5.41 -20.76
C ILE B 367 -0.06 -6.59 -21.47
N GLY B 368 -0.14 -7.71 -20.80
CA GLY B 368 -0.96 -8.80 -21.29
C GLY B 368 -0.14 -9.88 -21.98
N ASP B 369 1.16 -9.87 -21.74
CA ASP B 369 2.07 -10.86 -22.35
C ASP B 369 2.18 -12.05 -21.41
N GLU B 370 1.07 -12.82 -21.35
CA GLU B 370 0.84 -13.91 -20.42
C GLU B 370 1.83 -15.07 -20.39
N GLU B 371 2.11 -15.63 -21.57
CA GLU B 371 2.99 -16.74 -21.71
C GLU B 371 4.40 -16.44 -21.24
N ASN B 372 4.92 -15.26 -21.61
CA ASN B 372 6.21 -14.82 -21.12
C ASN B 372 6.25 -14.55 -19.63
N ALA B 373 5.19 -13.89 -19.15
CA ALA B 373 5.04 -13.62 -17.74
C ALA B 373 5.16 -14.90 -16.95
N ARG B 374 4.44 -15.94 -17.37
CA ARG B 374 4.37 -17.19 -16.62
C ARG B 374 5.70 -17.94 -16.60
N ALA B 375 6.36 -18.00 -17.75
CA ALA B 375 7.72 -18.57 -17.85
C ALA B 375 8.76 -17.85 -17.01
N LEU B 376 8.67 -16.51 -16.95
CA LEU B 376 9.60 -15.75 -16.13
C LEU B 376 9.37 -16.01 -14.61
N PHE B 377 8.11 -15.93 -14.17
CA PHE B 377 7.70 -16.25 -12.79
C PHE B 377 8.27 -17.60 -12.32
N LYS B 378 8.19 -18.65 -13.17
CA LYS B 378 8.73 -20.00 -12.90
C LYS B 378 10.23 -20.06 -12.61
N ARG B 379 11.00 -19.25 -13.33
CA ARG B 379 12.46 -19.09 -13.18
C ARG B 379 12.98 -18.18 -12.07
N LEU B 380 12.15 -17.26 -11.58
CA LEU B 380 12.64 -16.26 -10.63
C LEU B 380 12.26 -16.54 -9.18
N GLU B 381 13.00 -15.90 -8.26
CA GLU B 381 12.62 -15.75 -6.89
C GLU B 381 11.63 -14.59 -6.83
N LYS B 382 10.79 -14.56 -5.81
CA LYS B 382 9.58 -13.74 -5.82
C LYS B 382 9.37 -12.98 -4.53
N THR B 383 8.90 -11.74 -4.67
CA THR B 383 8.42 -10.96 -3.58
C THR B 383 6.98 -11.38 -3.33
N SER B 384 6.40 -11.00 -2.18
CA SER B 384 4.98 -11.28 -1.88
C SER B 384 4.13 -10.62 -2.93
N ARG B 385 4.52 -9.43 -3.39
CA ARG B 385 3.71 -8.71 -4.35
C ARG B 385 3.67 -9.46 -5.70
N MET B 386 4.75 -10.09 -6.12
CA MET B 386 4.82 -10.90 -7.35
C MET B 386 3.93 -12.11 -7.16
N TRP B 387 4.12 -12.87 -6.08
CA TRP B 387 3.15 -13.93 -5.68
C TRP B 387 1.68 -13.51 -5.70
N ASP B 388 1.32 -12.47 -4.98
CA ASP B 388 -0.06 -11.98 -4.97
C ASP B 388 -0.62 -11.49 -6.32
N SER B 389 0.20 -10.87 -7.16
CA SER B 389 -0.25 -10.50 -8.54
C SER B 389 -0.52 -11.69 -9.40
N MET B 390 0.36 -12.69 -9.33
CA MET B 390 0.17 -13.92 -10.10
C MET B 390 -1.03 -14.74 -9.59
N ILE B 391 -1.21 -14.83 -8.29
CA ILE B 391 -2.39 -15.52 -7.70
C ILE B 391 -3.69 -14.81 -8.12
N GLU B 392 -3.70 -13.49 -8.09
CA GLU B 392 -4.91 -12.73 -8.45
C GLU B 392 -5.23 -12.86 -9.95
N TYR B 393 -4.20 -12.72 -10.76
CA TYR B 393 -4.32 -13.05 -12.24
C TYR B 393 -4.88 -14.46 -12.61
N GLU B 394 -4.25 -15.51 -12.13
CA GLU B 394 -4.80 -16.90 -12.19
C GLU B 394 -6.26 -17.10 -11.75
N PHE B 395 -6.63 -16.59 -10.54
CA PHE B 395 -8.02 -16.53 -10.16
C PHE B 395 -8.97 -15.82 -11.15
N MET B 396 -8.54 -14.69 -11.69
CA MET B 396 -9.42 -13.95 -12.62
C MET B 396 -9.56 -14.60 -14.00
N VAL B 397 -8.46 -14.94 -14.63
CA VAL B 397 -8.52 -15.47 -15.97
C VAL B 397 -7.83 -16.82 -16.24
N GLY B 398 -7.51 -17.53 -15.17
CA GLY B 398 -6.82 -18.77 -15.26
C GLY B 398 -7.74 -19.92 -14.89
N SER B 399 -7.23 -20.90 -14.14
CA SER B 399 -8.00 -22.00 -13.55
C SER B 399 -7.92 -22.03 -12.01
N MET B 400 -8.95 -22.62 -11.40
CA MET B 400 -8.92 -22.86 -10.00
C MET B 400 -7.88 -23.87 -9.64
N GLU B 401 -7.66 -24.87 -10.49
CA GLU B 401 -6.62 -25.88 -10.23
C GLU B 401 -5.24 -25.24 -10.10
N LEU B 402 -4.87 -24.45 -11.08
CA LEU B 402 -3.58 -23.76 -10.95
C LEU B 402 -3.53 -22.73 -9.80
N PHE B 403 -4.60 -21.94 -9.64
CA PHE B 403 -4.77 -20.98 -8.53
C PHE B 403 -4.45 -21.70 -7.21
N ARG B 404 -4.99 -22.92 -7.01
CA ARG B 404 -4.82 -23.65 -5.74
CA ARG B 404 -4.86 -23.63 -5.73
C ARG B 404 -3.38 -24.05 -5.53
N GLU B 405 -2.70 -24.44 -6.63
CA GLU B 405 -1.26 -24.77 -6.63
C GLU B 405 -0.38 -23.55 -6.32
N LEU B 406 -0.64 -22.41 -6.94
CA LEU B 406 0.07 -21.17 -6.59
C LEU B 406 -0.11 -20.69 -5.13
N VAL B 407 -1.32 -20.76 -4.59
CA VAL B 407 -1.55 -20.63 -3.13
C VAL B 407 -0.72 -21.63 -2.31
N ASP B 408 -0.75 -22.92 -2.65
CA ASP B 408 0.07 -23.91 -1.90
C ASP B 408 1.50 -23.45 -1.94
N GLN B 409 1.97 -23.16 -3.15
CA GLN B 409 3.35 -22.66 -3.37
C GLN B 409 3.76 -21.39 -2.61
N LYS B 410 2.92 -20.35 -2.59
CA LYS B 410 3.17 -19.21 -1.74
C LYS B 410 3.27 -19.61 -0.23
N MET B 411 2.35 -20.43 0.30
CA MET B 411 2.42 -20.83 1.74
C MET B 411 3.67 -21.62 2.08
N ASP B 412 4.09 -22.49 1.15
CA ASP B 412 5.39 -23.19 1.21
C ASP B 412 6.59 -22.25 1.28
N ALA B 413 6.57 -21.21 0.45
CA ALA B 413 7.65 -20.24 0.38
C ALA B 413 7.77 -19.38 1.65
N ILE B 414 6.63 -18.91 2.19
CA ILE B 414 6.60 -18.21 3.49
C ILE B 414 7.27 -19.14 4.57
N LYS B 415 6.81 -20.38 4.58
CA LYS B 415 7.30 -21.39 5.55
C LYS B 415 8.82 -21.61 5.45
N ALA B 416 9.33 -21.74 4.22
CA ALA B 416 10.78 -21.91 3.94
C ALA B 416 11.59 -20.63 4.08
N ASP B 417 10.92 -19.53 4.45
CA ASP B 417 11.53 -18.20 4.50
C ASP B 417 12.23 -17.84 3.18
N ALA B 418 11.60 -18.28 2.07
CA ALA B 418 12.08 -18.07 0.71
C ALA B 418 11.52 -16.87 -0.03
N ILE B 419 10.66 -16.07 0.58
CA ILE B 419 10.13 -14.91 -0.19
C ILE B 419 11.17 -13.79 -0.17
N LEU B 420 11.43 -13.19 -1.31
CA LEU B 420 12.38 -12.09 -1.31
C LEU B 420 11.80 -10.93 -0.47
N PRO B 421 12.67 -10.24 0.26
CA PRO B 421 12.30 -8.99 0.93
C PRO B 421 11.55 -7.96 0.04
N PRO B 422 10.52 -7.30 0.58
CA PRO B 422 9.76 -6.32 -0.21
C PRO B 422 10.52 -5.06 -0.60
N LEU B 423 10.12 -4.52 -1.76
CA LEU B 423 10.52 -3.16 -2.14
C LEU B 423 9.81 -2.17 -1.22
N PRO B 424 10.47 -1.03 -0.89
CA PRO B 424 9.79 0.09 -0.21
C PRO B 424 8.52 0.52 -0.94
N PRO B 425 7.50 1.01 -0.19
CA PRO B 425 6.24 1.46 -0.82
C PRO B 425 6.39 2.82 -1.50
N ARG B 426 5.27 3.34 -2.02
CA ARG B 426 5.15 4.62 -2.80
C ARG B 426 4.91 4.25 -4.24
N VAL B 430 -2.78 17.51 -7.26
CA VAL B 430 -2.85 18.55 -6.25
C VAL B 430 -2.14 18.16 -4.96
N GLN B 431 -0.84 17.87 -4.98
CA GLN B 431 -0.05 17.93 -3.74
C GLN B 431 0.27 19.44 -3.58
N MET B 432 1.23 19.91 -4.36
CA MET B 432 1.58 21.31 -4.47
C MET B 432 0.86 22.06 -5.64
N GLU B 433 0.76 23.36 -5.46
CA GLU B 433 0.01 24.28 -6.29
C GLU B 433 0.88 25.48 -6.78
N GLY B 434 0.44 26.23 -7.79
CA GLY B 434 1.19 27.43 -8.22
C GLY B 434 2.60 27.10 -8.73
N ILE B 435 3.58 28.00 -8.48
CA ILE B 435 4.90 27.81 -9.05
C ILE B 435 5.73 26.72 -8.33
N LEU B 436 5.42 26.46 -7.07
CA LEU B 436 6.02 25.31 -6.38
C LEU B 436 5.44 23.97 -6.88
N GLY B 437 4.15 23.94 -7.12
CA GLY B 437 3.49 22.91 -7.92
C GLY B 437 4.23 22.58 -9.20
N ARG B 438 4.57 23.62 -9.97
CA ARG B 438 5.31 23.48 -11.21
C ARG B 438 6.69 22.82 -11.00
N TYR B 439 7.40 23.28 -10.00
CA TYR B 439 8.67 22.74 -9.61
C TYR B 439 8.54 21.26 -9.32
N HIS B 440 7.55 20.87 -8.49
CA HIS B 440 7.37 19.45 -8.17
C HIS B 440 7.02 18.61 -9.36
N CYS B 441 6.29 19.18 -10.30
CA CYS B 441 6.08 18.56 -11.61
C CYS B 441 7.37 18.22 -12.33
N PHE B 442 8.35 19.15 -12.34
CA PHE B 442 9.60 18.88 -12.99
C PHE B 442 10.35 17.86 -12.14
N LEU B 443 10.48 18.11 -10.82
CA LEU B 443 11.17 17.16 -9.97
C LEU B 443 10.66 15.73 -10.10
N ASP B 444 9.35 15.53 -10.08
CA ASP B 444 8.86 14.15 -10.13
C ASP B 444 9.22 13.50 -11.44
N SER B 445 9.30 14.31 -12.48
CA SER B 445 9.57 13.83 -13.83
C SER B 445 11.05 13.44 -13.98
N PHE B 446 11.96 14.20 -13.38
CA PHE B 446 13.39 13.88 -13.46
C PHE B 446 13.64 12.62 -12.63
N ASN B 447 12.89 12.48 -11.51
CA ASN B 447 13.02 11.27 -10.63
C ASN B 447 12.40 10.05 -11.35
N PHE B 448 12.93 8.82 -11.17
CA PHE B 448 12.40 7.63 -11.90
C PHE B 448 12.14 6.54 -10.88
N LEU B 449 10.88 6.17 -10.72
CA LEU B 449 10.52 5.21 -9.69
C LEU B 449 11.07 5.70 -8.32
N ASP B 450 11.86 4.87 -7.63
CA ASP B 450 12.39 5.20 -6.32
C ASP B 450 13.81 5.81 -6.39
N LEU B 451 14.34 5.87 -7.60
CA LEU B 451 15.55 6.59 -7.91
C LEU B 451 15.23 8.09 -7.90
N LYS B 452 15.67 8.79 -6.86
CA LYS B 452 15.32 10.18 -6.59
C LYS B 452 16.55 11.05 -6.39
N ILE B 453 16.45 12.35 -6.68
CA ILE B 453 17.48 13.36 -6.38
C ILE B 453 17.60 13.49 -4.83
N ARG B 454 18.83 13.45 -4.27
CA ARG B 454 19.07 13.10 -2.85
C ARG B 454 19.98 13.99 -1.96
N ASP B 455 19.81 15.31 -1.86
CA ASP B 455 20.57 16.02 -0.79
C ASP B 455 20.05 17.35 -0.20
#